data_2JAL
#
_entry.id   2JAL
#
_cell.length_a   94.699
_cell.length_b   94.466
_cell.length_c   113.591
_cell.angle_alpha   90.00
_cell.angle_beta   90.00
_cell.angle_gamma   90.00
#
_symmetry.space_group_name_H-M   'P 21 21 21'
#
loop_
_entity.id
_entity.type
_entity.pdbx_description
1 polymer 'BETA-GLUCOSIDASE A'
2 non-polymer (1R,2S,3S,4S,5R,6R)-6-(HYDROXYMETHYL)CYCLOHEXANE-1,2,3,4,5-PENTOL
3 non-polymer 'ACETATE ION'
4 non-polymer 'CALCIUM ION'
5 water water
#
_entity_poly.entity_id   1
_entity_poly.type   'polypeptide(L)'
_entity_poly.pdbx_seq_one_letter_code
;MGSSHHHHHHSSGLVPRGSHMASNVKKFPEGFLWGVATASYQIEGSPLADGAGMSIWHTFSHTPGNVKNGDTGDVACDHY
NRWKEDIEIIEKLGVKAYRFSISWPRILPEGTGRVNQKGLDFYNRIIDTLLEKGITPFVTIYHWDLPFALQLKGGWANRE
IADWFAEYSRVLFENFGDRVKNWITLNEPWVVAIVGHLYGVHAPGMRDIYVAFRAVHNLLRAHARAVKVFRETVKDGKIG
IVFNNGYFEPASEKEEDIRAVRFMHQFNNYPLFLNPIYRGDYPELVLEFAREYLPENYKDDMSEIQEKIDFVGLNYYSGH
LVKFDPDAPAKVSFVERDLPKTAMGWEIVPEGIYWILKKVKEEYNPPEVYITENGAAFDDVVSEDGRVHDQNRIDYLKAH
IGQAWKAIQEGVPLKGYFVWSLLDNFEWAEGYSKRFGIVYVDYSTQKRIVKDSGYWYSNVVKNNGLED
;
_entity_poly.pdbx_strand_id   A,B
#
# COMPACT_ATOMS: atom_id res chain seq x y z
N VAL A 25 36.50 -18.00 -10.03
CA VAL A 25 35.57 -17.46 -11.04
C VAL A 25 34.43 -18.47 -11.33
N LYS A 26 33.45 -18.04 -12.12
CA LYS A 26 32.36 -18.90 -12.58
C LYS A 26 32.20 -18.67 -14.06
N LYS A 27 32.97 -19.40 -14.87
CA LYS A 27 32.85 -19.34 -16.32
C LYS A 27 31.72 -20.24 -16.84
N PHE A 28 30.98 -19.71 -17.81
CA PHE A 28 29.89 -20.45 -18.44
C PHE A 28 30.44 -21.22 -19.65
N PRO A 29 29.67 -22.17 -20.23
CA PRO A 29 30.14 -22.93 -21.40
C PRO A 29 30.46 -22.09 -22.63
N GLU A 30 31.38 -22.58 -23.47
CA GLU A 30 31.71 -21.89 -24.70
C GLU A 30 30.40 -21.66 -25.47
N GLY A 31 30.18 -20.44 -25.94
CA GLY A 31 29.00 -20.14 -26.76
C GLY A 31 27.67 -19.93 -26.03
N PHE A 32 27.66 -20.00 -24.69
CA PHE A 32 26.51 -19.59 -23.86
C PHE A 32 25.93 -18.23 -24.33
N LEU A 33 24.61 -18.19 -24.52
CA LEU A 33 23.90 -16.99 -24.96
C LEU A 33 23.53 -16.12 -23.78
N TRP A 34 24.21 -14.98 -23.68
CA TRP A 34 23.88 -13.96 -22.70
C TRP A 34 22.90 -13.00 -23.39
N GLY A 35 21.76 -12.76 -22.78
CA GLY A 35 20.76 -11.94 -23.41
C GLY A 35 20.05 -10.92 -22.54
N VAL A 36 19.22 -10.13 -23.21
CA VAL A 36 18.29 -9.22 -22.55
C VAL A 36 16.93 -9.40 -23.26
N ALA A 37 15.87 -9.10 -22.54
CA ALA A 37 14.53 -9.38 -23.05
C ALA A 37 13.58 -8.18 -22.89
N THR A 38 12.67 -8.05 -23.86
CA THR A 38 11.62 -7.01 -23.86
C THR A 38 10.31 -7.65 -24.35
N ALA A 39 9.22 -6.86 -24.39
CA ALA A 39 7.96 -7.31 -25.03
C ALA A 39 7.37 -6.09 -25.76
N SER A 40 6.79 -6.34 -26.93
CA SER A 40 6.24 -5.33 -27.86
C SER A 40 5.36 -4.25 -27.19
N TYR A 41 4.29 -4.68 -26.48
CA TYR A 41 3.41 -3.68 -25.82
C TYR A 41 4.12 -2.88 -24.72
N GLN A 42 5.08 -3.49 -24.06
CA GLN A 42 5.71 -2.83 -22.93
C GLN A 42 6.68 -1.73 -23.34
N ILE A 43 7.23 -1.80 -24.54
CA ILE A 43 8.24 -0.84 -24.93
C ILE A 43 7.94 0.00 -26.16
N GLU A 44 7.16 -0.55 -27.11
CA GLU A 44 7.06 0.08 -28.43
C GLU A 44 6.34 1.43 -28.49
N GLY A 45 5.21 1.56 -27.80
CA GLY A 45 4.30 2.69 -28.03
C GLY A 45 3.77 2.69 -29.46
N SER A 46 3.09 3.76 -29.88
CA SER A 46 2.49 3.83 -31.20
C SER A 46 1.63 2.60 -31.58
N PRO A 47 0.71 2.18 -30.70
CA PRO A 47 -0.03 0.92 -30.91
C PRO A 47 -0.86 0.93 -32.17
N LEU A 48 -1.24 2.11 -32.66
CA LEU A 48 -2.10 2.18 -33.86
C LEU A 48 -1.37 2.76 -35.06
N ALA A 49 -0.04 2.84 -34.98
CA ALA A 49 0.74 3.39 -36.11
C ALA A 49 0.69 2.46 -37.30
N ASP A 50 0.78 3.03 -38.52
CA ASP A 50 0.97 2.24 -39.75
C ASP A 50 -0.07 1.15 -39.99
N GLY A 51 -1.32 1.46 -39.71
CA GLY A 51 -2.42 0.54 -39.96
C GLY A 51 -2.54 -0.65 -39.00
N ALA A 52 -1.86 -0.61 -37.86
CA ALA A 52 -1.96 -1.67 -36.83
C ALA A 52 -3.39 -1.79 -36.28
N GLY A 53 -3.86 -3.03 -35.99
CA GLY A 53 -5.16 -3.22 -35.28
C GLY A 53 -5.03 -2.92 -33.79
N MET A 54 -6.12 -2.59 -33.09
CA MET A 54 -6.08 -2.58 -31.61
C MET A 54 -5.72 -3.94 -31.00
N SER A 55 -4.95 -3.96 -29.91
CA SER A 55 -4.76 -5.18 -29.15
C SER A 55 -5.68 -5.12 -27.92
N ILE A 56 -5.84 -6.25 -27.23
CA ILE A 56 -6.59 -6.27 -25.98
C ILE A 56 -5.91 -5.47 -24.90
N TRP A 57 -4.57 -5.27 -24.98
CA TRP A 57 -3.92 -4.39 -23.97
C TRP A 57 -4.20 -2.91 -24.21
N HIS A 58 -4.38 -2.55 -25.46
CA HIS A 58 -4.82 -1.20 -25.79
C HIS A 58 -6.21 -0.93 -25.18
N THR A 59 -7.15 -1.85 -25.39
CA THR A 59 -8.51 -1.62 -24.92
C THR A 59 -8.61 -1.76 -23.38
N PHE A 60 -7.87 -2.71 -22.80
CA PHE A 60 -7.83 -2.91 -21.35
C PHE A 60 -7.23 -1.70 -20.63
N SER A 61 -6.09 -1.23 -21.12
CA SER A 61 -5.43 -0.11 -20.46
C SER A 61 -6.16 1.22 -20.64
N HIS A 62 -6.95 1.37 -21.70
CA HIS A 62 -7.81 2.56 -21.92
C HIS A 62 -9.14 2.48 -21.15
N THR A 63 -9.32 1.38 -20.43
CA THR A 63 -10.52 1.23 -19.60
C THR A 63 -10.16 1.71 -18.22
N PRO A 64 -10.80 2.81 -17.76
CA PRO A 64 -10.50 3.38 -16.44
C PRO A 64 -10.53 2.36 -15.32
N GLY A 65 -9.54 2.45 -14.44
CA GLY A 65 -9.47 1.55 -13.30
C GLY A 65 -8.65 0.28 -13.46
N ASN A 66 -8.23 -0.05 -14.69
CA ASN A 66 -7.52 -1.33 -14.88
C ASN A 66 -6.02 -1.28 -14.64
N VAL A 67 -5.41 -0.13 -14.87
CA VAL A 67 -3.95 0.04 -14.77
C VAL A 67 -3.66 1.19 -13.84
N LYS A 68 -2.71 0.98 -12.94
CA LYS A 68 -2.22 2.05 -12.07
C LYS A 68 -2.04 3.42 -12.77
N ASN A 69 -2.59 4.47 -12.14
CA ASN A 69 -2.45 5.83 -12.66
C ASN A 69 -3.04 6.05 -14.05
N GLY A 70 -3.84 5.09 -14.52
CA GLY A 70 -4.41 5.22 -15.86
C GLY A 70 -3.34 5.11 -16.95
N ASP A 71 -2.21 4.51 -16.62
CA ASP A 71 -1.10 4.39 -17.60
C ASP A 71 -1.48 3.47 -18.76
N THR A 72 -0.97 3.76 -19.95
CA THR A 72 -1.21 2.88 -21.10
C THR A 72 0.08 2.66 -21.86
N GLY A 73 0.05 1.78 -22.85
CA GLY A 73 1.16 1.57 -23.77
C GLY A 73 1.17 2.49 -24.96
N ASP A 74 0.49 3.63 -24.85
CA ASP A 74 0.40 4.58 -25.97
C ASP A 74 1.75 5.10 -26.43
N VAL A 75 2.62 5.39 -25.46
CA VAL A 75 3.96 5.89 -25.82
C VAL A 75 5.07 4.94 -25.34
N ALA A 76 4.96 4.52 -24.10
CA ALA A 76 5.91 3.59 -23.45
C ALA A 76 7.35 4.15 -23.57
N CYS A 77 8.27 3.29 -24.01
CA CYS A 77 9.66 3.68 -24.32
C CYS A 77 9.89 4.27 -25.73
N ASP A 78 8.80 4.50 -26.46
CA ASP A 78 8.81 4.96 -27.86
C ASP A 78 9.79 4.12 -28.72
N HIS A 79 9.88 2.83 -28.45
CA HIS A 79 10.83 1.97 -29.16
C HIS A 79 10.42 1.85 -30.62
N TYR A 80 9.15 2.12 -30.91
CA TYR A 80 8.69 2.04 -32.29
C TYR A 80 9.43 3.04 -33.19
N ASN A 81 9.88 4.14 -32.60
CA ASN A 81 10.77 5.12 -33.28
C ASN A 81 12.26 5.01 -32.93
N ARG A 82 12.56 4.57 -31.71
CA ARG A 82 13.93 4.55 -31.18
C ARG A 82 14.62 3.19 -31.17
N TRP A 83 13.99 2.19 -31.81
CA TRP A 83 14.51 0.84 -31.96
C TRP A 83 16.01 0.76 -32.38
N LYS A 84 16.47 1.59 -33.30
CA LYS A 84 17.88 1.53 -33.77
C LYS A 84 18.85 1.88 -32.65
N GLU A 85 18.58 2.99 -31.96
N GLU A 85 18.58 2.97 -31.95
CA GLU A 85 19.39 3.40 -30.78
CA GLU A 85 19.44 3.36 -30.83
C GLU A 85 19.39 2.34 -29.69
C GLU A 85 19.37 2.39 -29.65
N ASP A 86 18.23 1.72 -29.47
CA ASP A 86 18.12 0.65 -28.45
C ASP A 86 18.96 -0.58 -28.76
N ILE A 87 19.00 -0.95 -30.04
CA ILE A 87 19.82 -2.06 -30.48
C ILE A 87 21.31 -1.65 -30.35
N GLU A 88 21.61 -0.40 -30.74
CA GLU A 88 22.97 0.16 -30.54
C GLU A 88 23.38 0.12 -29.06
N ILE A 89 22.41 0.33 -28.12
CA ILE A 89 22.66 0.03 -26.70
C ILE A 89 23.04 -1.43 -26.43
N ILE A 90 22.28 -2.37 -27.00
CA ILE A 90 22.54 -3.82 -26.80
C ILE A 90 23.94 -4.21 -27.28
N GLU A 91 24.27 -3.70 -28.47
CA GLU A 91 25.58 -3.89 -29.09
C GLU A 91 26.71 -3.37 -28.19
N LYS A 92 26.54 -2.14 -27.73
CA LYS A 92 27.56 -1.44 -26.96
C LYS A 92 27.83 -2.15 -25.64
N LEU A 93 26.80 -2.81 -25.11
CA LEU A 93 26.92 -3.58 -23.89
C LEU A 93 27.53 -4.95 -24.17
N GLY A 94 27.65 -5.30 -25.46
CA GLY A 94 28.20 -6.59 -25.85
C GLY A 94 27.30 -7.79 -25.61
N VAL A 95 26.00 -7.53 -25.48
CA VAL A 95 25.01 -8.59 -25.25
C VAL A 95 24.84 -9.38 -26.56
N LYS A 96 24.75 -10.70 -26.44
CA LYS A 96 24.83 -11.58 -27.58
C LYS A 96 23.48 -12.07 -28.10
N ALA A 97 22.42 -11.88 -27.34
CA ALA A 97 21.13 -12.32 -27.80
C ALA A 97 20.06 -11.29 -27.36
N TYR A 98 19.00 -11.16 -28.15
CA TYR A 98 17.90 -10.27 -27.77
C TYR A 98 16.57 -10.99 -27.96
N ARG A 99 15.86 -11.14 -26.87
CA ARG A 99 14.53 -11.71 -26.88
C ARG A 99 13.56 -10.53 -26.98
N PHE A 100 12.75 -10.52 -28.02
CA PHE A 100 11.74 -9.49 -28.21
C PHE A 100 10.46 -10.14 -28.71
N SER A 101 9.33 -9.44 -28.65
CA SER A 101 8.10 -10.06 -29.16
C SER A 101 7.52 -9.27 -30.30
N ILE A 102 6.74 -9.99 -31.10
CA ILE A 102 6.01 -9.44 -32.23
CA ILE A 102 6.03 -9.36 -32.20
C ILE A 102 4.57 -9.13 -31.81
N SER A 103 4.09 -7.91 -32.11
CA SER A 103 2.68 -7.53 -31.88
C SER A 103 1.81 -8.13 -32.99
N TRP A 104 1.02 -9.16 -32.67
CA TRP A 104 0.13 -9.79 -33.64
C TRP A 104 -0.73 -8.80 -34.43
N PRO A 105 -1.40 -7.86 -33.73
CA PRO A 105 -2.21 -6.93 -34.54
C PRO A 105 -1.44 -5.92 -35.42
N ARG A 106 -0.11 -5.79 -35.27
CA ARG A 106 0.64 -4.98 -36.27
C ARG A 106 0.78 -5.79 -37.57
N ILE A 107 0.74 -7.11 -37.44
CA ILE A 107 0.99 -8.03 -38.55
C ILE A 107 -0.31 -8.41 -39.24
N LEU A 108 -1.34 -8.72 -38.45
CA LEU A 108 -2.64 -9.05 -39.01
C LEU A 108 -3.63 -8.21 -38.18
N PRO A 109 -4.00 -7.03 -38.67
CA PRO A 109 -4.80 -6.05 -37.93
C PRO A 109 -6.17 -6.57 -37.46
N GLU A 110 -6.75 -7.48 -38.24
CA GLU A 110 -7.96 -8.21 -37.81
C GLU A 110 -7.69 -9.58 -37.18
N GLY A 111 -6.44 -9.92 -36.89
CA GLY A 111 -6.11 -11.21 -36.25
C GLY A 111 -5.87 -12.29 -37.30
N THR A 112 -6.77 -12.37 -38.27
CA THR A 112 -6.57 -13.28 -39.40
C THR A 112 -6.85 -12.55 -40.70
N GLY A 113 -6.52 -13.17 -41.83
CA GLY A 113 -6.76 -12.55 -43.13
C GLY A 113 -5.64 -11.62 -43.51
N ARG A 114 -5.95 -10.33 -43.55
CA ARG A 114 -5.07 -9.31 -44.12
C ARG A 114 -3.73 -9.17 -43.38
N VAL A 115 -2.66 -9.19 -44.17
CA VAL A 115 -1.32 -8.98 -43.64
C VAL A 115 -0.85 -7.55 -43.96
N ASN A 116 -0.32 -6.92 -42.92
CA ASN A 116 0.10 -5.53 -42.95
C ASN A 116 1.63 -5.44 -43.19
N GLN A 117 2.03 -5.06 -44.40
CA GLN A 117 3.47 -5.01 -44.76
C GLN A 117 4.24 -4.02 -43.90
N LYS A 118 3.62 -2.92 -43.50
CA LYS A 118 4.33 -2.00 -42.61
C LYS A 118 4.68 -2.60 -41.26
N GLY A 119 3.85 -3.52 -40.78
CA GLY A 119 4.12 -4.17 -39.52
C GLY A 119 5.29 -5.12 -39.65
N LEU A 120 5.24 -5.93 -40.69
CA LEU A 120 6.35 -6.82 -41.03
C LEU A 120 7.64 -6.05 -41.18
N ASP A 121 7.57 -4.91 -41.87
CA ASP A 121 8.77 -4.07 -42.09
C ASP A 121 9.40 -3.48 -40.82
N PHE A 122 8.58 -3.07 -39.84
CA PHE A 122 9.09 -2.71 -38.49
C PHE A 122 10.01 -3.78 -37.90
N TYR A 123 9.55 -5.03 -37.89
CA TYR A 123 10.33 -6.12 -37.29
C TYR A 123 11.46 -6.58 -38.27
N ASN A 124 11.25 -6.49 -39.56
CA ASN A 124 12.32 -6.82 -40.51
C ASN A 124 13.57 -5.96 -40.25
N ARG A 125 13.37 -4.65 -40.06
CA ARG A 125 14.48 -3.72 -39.80
C ARG A 125 15.22 -4.07 -38.52
N ILE A 126 14.47 -4.43 -37.47
CA ILE A 126 15.05 -4.88 -36.21
C ILE A 126 15.85 -6.16 -36.37
N ILE A 127 15.29 -7.15 -37.08
CA ILE A 127 16.00 -8.42 -37.29
CA ILE A 127 15.96 -8.42 -37.36
C ILE A 127 17.30 -8.21 -38.09
N ASP A 128 17.23 -7.47 -39.19
CA ASP A 128 18.42 -7.23 -40.01
C ASP A 128 19.52 -6.49 -39.26
N THR A 129 19.13 -5.55 -38.41
CA THR A 129 20.06 -4.71 -37.70
C THR A 129 20.77 -5.59 -36.68
N LEU A 130 19.99 -6.38 -35.94
CA LEU A 130 20.55 -7.31 -34.95
C LEU A 130 21.56 -8.26 -35.61
N LEU A 131 21.19 -8.78 -36.79
CA LEU A 131 22.04 -9.75 -37.49
C LEU A 131 23.34 -9.10 -37.97
N GLU A 132 23.23 -7.92 -38.56
CA GLU A 132 24.41 -7.12 -38.93
C GLU A 132 25.33 -6.87 -37.72
N LYS A 133 24.73 -6.73 -36.53
CA LYS A 133 25.53 -6.53 -35.32
C LYS A 133 25.91 -7.80 -34.58
N GLY A 134 25.63 -8.96 -35.18
CA GLY A 134 25.95 -10.26 -34.56
C GLY A 134 25.24 -10.54 -33.24
N ILE A 135 24.00 -10.07 -33.13
CA ILE A 135 23.16 -10.33 -31.95
C ILE A 135 22.11 -11.36 -32.40
N THR A 136 21.93 -12.42 -31.62
CA THR A 136 21.01 -13.49 -31.99
C THR A 136 19.58 -13.13 -31.58
N PRO A 137 18.66 -13.01 -32.56
CA PRO A 137 17.27 -12.72 -32.18
C PRO A 137 16.51 -13.94 -31.65
N PHE A 138 15.89 -13.82 -30.49
CA PHE A 138 14.93 -14.82 -30.02
C PHE A 138 13.55 -14.17 -30.14
N VAL A 139 12.68 -14.70 -31.01
CA VAL A 139 11.39 -14.06 -31.26
C VAL A 139 10.25 -14.75 -30.49
N THR A 140 9.59 -13.97 -29.63
CA THR A 140 8.38 -14.42 -28.95
C THR A 140 7.18 -14.09 -29.83
N ILE A 141 6.45 -15.12 -30.27
CA ILE A 141 5.34 -14.91 -31.17
C ILE A 141 4.17 -14.19 -30.43
N TYR A 142 3.96 -14.57 -29.19
CA TYR A 142 2.85 -14.06 -28.40
C TYR A 142 3.26 -13.70 -26.98
N HIS A 143 3.31 -12.39 -26.76
CA HIS A 143 3.55 -11.82 -25.43
C HIS A 143 2.37 -10.92 -25.05
N TRP A 144 1.15 -11.46 -25.21
CA TRP A 144 -0.07 -11.00 -24.47
C TRP A 144 -0.93 -9.96 -25.18
N ASP A 145 -0.41 -9.41 -26.27
CA ASP A 145 -1.17 -8.41 -27.04
C ASP A 145 -1.99 -9.03 -28.19
N LEU A 146 -2.94 -9.87 -27.81
CA LEU A 146 -3.93 -10.47 -28.73
C LEU A 146 -4.66 -9.36 -29.52
N PRO A 147 -4.87 -9.53 -30.84
CA PRO A 147 -5.71 -8.61 -31.58
C PRO A 147 -7.09 -8.48 -30.93
N PHE A 148 -7.52 -7.25 -30.74
CA PHE A 148 -8.88 -7.00 -30.21
C PHE A 148 -9.96 -7.68 -31.05
N ALA A 149 -9.77 -7.70 -32.37
CA ALA A 149 -10.72 -8.29 -33.27
C ALA A 149 -10.97 -9.79 -32.88
N LEU A 150 -9.95 -10.48 -32.42
CA LEU A 150 -10.12 -11.90 -32.05
C LEU A 150 -10.71 -12.05 -30.67
N GLN A 151 -10.42 -11.10 -29.79
CA GLN A 151 -11.06 -11.11 -28.46
C GLN A 151 -12.58 -10.95 -28.60
N LEU A 152 -13.04 -10.16 -29.57
CA LEU A 152 -14.49 -10.08 -29.88
C LEU A 152 -15.13 -11.43 -30.25
N LYS A 153 -14.29 -12.37 -30.74
CA LYS A 153 -14.75 -13.72 -31.02
CA LYS A 153 -14.73 -13.72 -31.03
C LYS A 153 -14.34 -14.72 -29.92
N GLY A 154 -14.11 -14.18 -28.72
CA GLY A 154 -13.80 -14.91 -27.49
C GLY A 154 -12.33 -15.16 -27.16
N GLY A 155 -11.44 -14.81 -28.10
CA GLY A 155 -9.97 -14.90 -27.84
C GLY A 155 -9.55 -16.32 -27.47
N TRP A 156 -8.77 -16.43 -26.39
CA TRP A 156 -8.23 -17.74 -25.91
C TRP A 156 -9.31 -18.70 -25.45
N ALA A 157 -10.53 -18.20 -25.22
CA ALA A 157 -11.69 -19.06 -24.87
C ALA A 157 -12.24 -19.85 -26.08
N ASN A 158 -11.95 -19.42 -27.28
CA ASN A 158 -12.52 -20.01 -28.50
C ASN A 158 -11.58 -21.04 -29.08
N ARG A 159 -12.05 -22.26 -29.28
CA ARG A 159 -11.21 -23.32 -29.83
C ARG A 159 -10.57 -23.00 -31.17
N GLU A 160 -11.23 -22.13 -31.95
CA GLU A 160 -10.77 -21.73 -33.26
C GLU A 160 -9.47 -20.91 -33.16
N ILE A 161 -9.15 -20.39 -31.98
CA ILE A 161 -7.84 -19.72 -31.83
C ILE A 161 -6.62 -20.59 -32.21
N ALA A 162 -6.73 -21.92 -32.10
CA ALA A 162 -5.62 -22.78 -32.53
C ALA A 162 -5.40 -22.55 -34.04
N ASP A 163 -6.49 -22.39 -34.80
CA ASP A 163 -6.38 -22.07 -36.25
C ASP A 163 -5.83 -20.66 -36.47
N TRP A 164 -6.37 -19.69 -35.71
CA TRP A 164 -5.93 -18.27 -35.88
C TRP A 164 -4.46 -18.11 -35.57
N PHE A 165 -4.04 -18.76 -34.49
CA PHE A 165 -2.65 -18.67 -34.05
C PHE A 165 -1.69 -19.31 -35.05
N ALA A 166 -2.10 -20.44 -35.61
CA ALA A 166 -1.27 -21.18 -36.59
C ALA A 166 -1.08 -20.36 -37.85
N GLU A 167 -2.15 -19.68 -38.26
CA GLU A 167 -2.10 -18.81 -39.47
C GLU A 167 -1.17 -17.61 -39.23
N TYR A 168 -1.27 -16.99 -38.05
CA TYR A 168 -0.36 -15.93 -37.63
C TYR A 168 1.09 -16.43 -37.57
N SER A 169 1.32 -17.54 -36.87
CA SER A 169 2.66 -18.11 -36.72
C SER A 169 3.20 -18.41 -38.12
N ARG A 170 2.37 -18.94 -39.00
CA ARG A 170 2.80 -19.24 -40.37
C ARG A 170 3.31 -18.01 -41.13
N VAL A 171 2.58 -16.90 -41.01
CA VAL A 171 3.02 -15.64 -41.59
C VAL A 171 4.43 -15.23 -41.14
N LEU A 172 4.65 -15.27 -39.82
CA LEU A 172 5.96 -14.98 -39.23
C LEU A 172 7.08 -15.89 -39.76
N PHE A 173 6.80 -17.18 -39.81
CA PHE A 173 7.81 -18.15 -40.26
C PHE A 173 8.13 -17.92 -41.74
N GLU A 174 7.11 -17.68 -42.56
CA GLU A 174 7.31 -17.39 -43.99
CA GLU A 174 7.31 -17.40 -43.99
C GLU A 174 8.10 -16.09 -44.21
N ASN A 175 7.84 -15.09 -43.38
CA ASN A 175 8.49 -13.80 -43.55
C ASN A 175 9.86 -13.62 -42.90
N PHE A 176 10.08 -14.25 -41.74
CA PHE A 176 11.30 -14.05 -40.97
C PHE A 176 12.14 -15.30 -40.79
N GLY A 177 11.59 -16.48 -41.11
CA GLY A 177 12.27 -17.75 -40.84
C GLY A 177 13.59 -17.95 -41.60
N ASP A 178 13.83 -17.16 -42.65
CA ASP A 178 15.10 -17.22 -43.38
C ASP A 178 16.26 -16.66 -42.55
N ARG A 179 15.94 -15.80 -41.57
CA ARG A 179 16.94 -15.11 -40.73
C ARG A 179 16.84 -15.45 -39.24
N VAL A 180 15.60 -15.59 -38.74
CA VAL A 180 15.38 -15.92 -37.32
C VAL A 180 15.26 -17.42 -37.16
N LYS A 181 16.05 -17.98 -36.25
CA LYS A 181 16.17 -19.44 -36.13
C LYS A 181 15.80 -19.95 -34.76
N ASN A 182 15.44 -19.03 -33.87
CA ASN A 182 15.09 -19.35 -32.50
C ASN A 182 13.76 -18.65 -32.16
N TRP A 183 12.74 -19.46 -31.93
CA TRP A 183 11.35 -18.96 -31.84
C TRP A 183 10.74 -19.47 -30.55
N ILE A 184 9.88 -18.65 -29.95
CA ILE A 184 9.09 -19.00 -28.77
C ILE A 184 7.60 -18.80 -29.14
N THR A 185 6.76 -19.81 -28.93
CA THR A 185 5.34 -19.71 -29.30
C THR A 185 4.61 -18.78 -28.32
N LEU A 186 4.64 -19.15 -27.06
CA LEU A 186 3.89 -18.41 -26.04
C LEU A 186 4.78 -17.96 -24.91
N ASN A 187 4.62 -16.70 -24.50
CA ASN A 187 5.13 -16.24 -23.25
C ASN A 187 4.16 -16.45 -22.10
N GLU A 188 4.57 -17.25 -21.11
CA GLU A 188 3.83 -17.42 -19.83
C GLU A 188 2.32 -17.68 -19.98
N PRO A 189 1.95 -18.80 -20.62
CA PRO A 189 0.51 -19.05 -20.82
C PRO A 189 -0.30 -19.22 -19.51
N TRP A 190 0.34 -19.59 -18.39
CA TRP A 190 -0.37 -19.55 -17.11
C TRP A 190 -0.89 -18.14 -16.84
N VAL A 191 -0.05 -17.14 -17.08
CA VAL A 191 -0.43 -15.76 -16.79
C VAL A 191 -1.56 -15.33 -17.74
N VAL A 192 -1.40 -15.62 -19.02
CA VAL A 192 -2.40 -15.29 -20.04
C VAL A 192 -3.75 -15.89 -19.58
N ALA A 193 -3.78 -17.16 -19.22
CA ALA A 193 -5.05 -17.81 -18.87
C ALA A 193 -5.56 -17.32 -17.53
N ILE A 194 -4.75 -17.46 -16.48
CA ILE A 194 -5.29 -17.25 -15.13
C ILE A 194 -5.34 -15.79 -14.73
N VAL A 195 -4.28 -15.04 -14.99
CA VAL A 195 -4.32 -13.61 -14.61
C VAL A 195 -5.29 -12.86 -15.55
N GLY A 196 -5.38 -13.30 -16.81
CA GLY A 196 -6.21 -12.61 -17.80
C GLY A 196 -7.67 -13.01 -17.66
N HIS A 197 -7.94 -14.26 -17.25
CA HIS A 197 -9.32 -14.79 -17.36
C HIS A 197 -9.98 -15.30 -16.05
N LEU A 198 -9.16 -15.45 -15.00
CA LEU A 198 -9.65 -15.80 -13.68
C LEU A 198 -9.53 -14.63 -12.70
N TYR A 199 -8.33 -14.05 -12.60
CA TYR A 199 -8.09 -12.94 -11.69
C TYR A 199 -8.62 -11.63 -12.28
N GLY A 200 -8.66 -11.53 -13.61
CA GLY A 200 -9.13 -10.29 -14.24
C GLY A 200 -8.19 -9.09 -14.15
N VAL A 201 -6.97 -9.32 -13.70
CA VAL A 201 -5.99 -8.26 -13.48
C VAL A 201 -5.24 -7.89 -14.75
N HIS A 202 -5.22 -8.79 -15.72
CA HIS A 202 -4.64 -8.53 -17.04
C HIS A 202 -5.71 -8.63 -18.14
N ALA A 203 -5.44 -8.08 -19.32
CA ALA A 203 -6.33 -8.19 -20.46
C ALA A 203 -6.60 -9.70 -20.66
N PRO A 204 -7.80 -10.08 -21.08
CA PRO A 204 -8.98 -9.30 -21.41
C PRO A 204 -9.81 -8.87 -20.18
N GLY A 205 -9.35 -9.21 -18.98
CA GLY A 205 -9.95 -8.72 -17.75
C GLY A 205 -11.16 -9.51 -17.26
N MET A 206 -11.16 -10.82 -17.42
CA MET A 206 -12.31 -11.64 -17.04
CA MET A 206 -12.32 -11.64 -17.02
C MET A 206 -12.10 -12.39 -15.72
N ARG A 207 -13.21 -12.84 -15.10
CA ARG A 207 -13.15 -13.63 -13.86
C ARG A 207 -14.16 -14.76 -13.98
N ASP A 208 -13.75 -15.81 -14.71
CA ASP A 208 -14.56 -16.98 -14.90
C ASP A 208 -13.58 -18.15 -14.93
N ILE A 209 -13.69 -19.04 -13.95
CA ILE A 209 -12.77 -20.18 -13.82
C ILE A 209 -12.88 -21.16 -14.98
N TYR A 210 -14.09 -21.32 -15.54
CA TYR A 210 -14.32 -22.21 -16.66
C TYR A 210 -13.68 -21.66 -17.93
N VAL A 211 -13.78 -20.35 -18.12
CA VAL A 211 -13.08 -19.72 -19.23
C VAL A 211 -11.56 -19.84 -19.07
N ALA A 212 -11.02 -19.54 -17.87
CA ALA A 212 -9.57 -19.62 -17.63
C ALA A 212 -9.02 -21.00 -18.00
N PHE A 213 -9.74 -22.08 -17.66
CA PHE A 213 -9.18 -23.42 -17.96
C PHE A 213 -9.40 -23.81 -19.38
N ARG A 214 -10.45 -23.30 -20.03
CA ARG A 214 -10.51 -23.48 -21.45
CA ARG A 214 -10.59 -23.39 -21.48
C ARG A 214 -9.40 -22.69 -22.15
N ALA A 215 -9.02 -21.52 -21.60
CA ALA A 215 -7.88 -20.77 -22.20
C ALA A 215 -6.56 -21.58 -22.03
N VAL A 216 -6.32 -22.11 -20.83
CA VAL A 216 -5.19 -23.08 -20.65
C VAL A 216 -5.16 -24.09 -21.78
N HIS A 217 -6.28 -24.78 -22.00
CA HIS A 217 -6.32 -25.87 -22.98
C HIS A 217 -6.12 -25.35 -24.42
N ASN A 218 -6.72 -24.20 -24.75
CA ASN A 218 -6.53 -23.66 -26.11
C ASN A 218 -5.13 -23.12 -26.39
N LEU A 219 -4.49 -22.60 -25.36
CA LEU A 219 -3.09 -22.13 -25.42
C LEU A 219 -2.16 -23.29 -25.83
N LEU A 220 -2.37 -24.45 -25.21
CA LEU A 220 -1.63 -25.67 -25.60
C LEU A 220 -1.91 -26.14 -27.03
N ARG A 221 -3.17 -26.17 -27.43
CA ARG A 221 -3.55 -26.56 -28.79
C ARG A 221 -2.95 -25.60 -29.80
N ALA A 222 -2.99 -24.30 -29.48
CA ALA A 222 -2.49 -23.27 -30.38
C ALA A 222 -0.95 -23.39 -30.46
N HIS A 223 -0.32 -23.52 -29.30
CA HIS A 223 1.14 -23.78 -29.28
C HIS A 223 1.50 -24.98 -30.19
N ALA A 224 0.79 -26.10 -30.01
CA ALA A 224 1.14 -27.29 -30.80
C ALA A 224 0.91 -27.14 -32.32
N ARG A 225 -0.13 -26.42 -32.71
CA ARG A 225 -0.39 -26.14 -34.12
CA ARG A 225 -0.40 -26.15 -34.12
C ARG A 225 0.72 -25.28 -34.74
N ALA A 226 1.17 -24.29 -34.00
CA ALA A 226 2.27 -23.43 -34.44
C ALA A 226 3.56 -24.26 -34.60
N VAL A 227 3.88 -25.12 -33.63
CA VAL A 227 5.06 -26.00 -33.79
C VAL A 227 4.95 -26.92 -35.02
N LYS A 228 3.76 -27.50 -35.25
CA LYS A 228 3.49 -28.28 -36.47
C LYS A 228 3.77 -27.51 -37.74
N VAL A 229 3.29 -26.27 -37.79
CA VAL A 229 3.50 -25.43 -38.98
C VAL A 229 4.97 -25.05 -39.10
N PHE A 230 5.62 -24.75 -37.98
CA PHE A 230 7.07 -24.49 -37.98
C PHE A 230 7.92 -25.59 -38.67
N ARG A 231 7.66 -26.85 -38.35
CA ARG A 231 8.36 -28.00 -38.96
C ARG A 231 8.21 -28.07 -40.46
N GLU A 232 7.09 -27.55 -40.96
CA GLU A 232 6.78 -27.56 -42.37
C GLU A 232 7.34 -26.35 -43.07
N THR A 233 7.73 -25.31 -42.32
CA THR A 233 8.11 -24.04 -42.95
CA THR A 233 8.07 -24.01 -42.89
C THR A 233 9.53 -23.60 -42.66
N VAL A 234 10.08 -23.96 -41.50
CA VAL A 234 11.41 -23.49 -41.11
C VAL A 234 12.23 -24.71 -40.74
N LYS A 235 12.63 -25.44 -41.76
CA LYS A 235 13.23 -26.75 -41.55
C LYS A 235 14.64 -26.73 -40.88
N ASP A 236 15.26 -25.55 -40.78
CA ASP A 236 16.54 -25.37 -40.07
C ASP A 236 16.50 -24.62 -38.74
N GLY A 237 15.32 -24.30 -38.19
CA GLY A 237 15.29 -23.53 -36.93
C GLY A 237 14.92 -24.34 -35.70
N LYS A 238 14.85 -23.69 -34.53
CA LYS A 238 14.41 -24.27 -33.26
C LYS A 238 13.25 -23.50 -32.59
N ILE A 239 12.29 -24.24 -32.05
CA ILE A 239 11.12 -23.59 -31.38
C ILE A 239 10.88 -24.18 -30.00
N GLY A 240 10.44 -23.33 -29.05
CA GLY A 240 10.12 -23.76 -27.70
C GLY A 240 9.01 -22.85 -27.15
N ILE A 241 8.91 -22.79 -25.85
CA ILE A 241 7.80 -22.18 -25.15
C ILE A 241 8.34 -21.78 -23.78
N VAL A 242 7.75 -20.71 -23.23
CA VAL A 242 8.26 -20.08 -22.03
C VAL A 242 7.26 -20.12 -20.88
N PHE A 243 7.71 -20.52 -19.68
CA PHE A 243 6.80 -20.54 -18.53
C PHE A 243 7.30 -19.70 -17.38
N ASN A 244 6.38 -19.08 -16.62
CA ASN A 244 6.68 -18.47 -15.32
C ASN A 244 6.79 -19.55 -14.23
N ASN A 245 7.61 -19.28 -13.24
CA ASN A 245 7.79 -20.21 -12.12
C ASN A 245 8.08 -19.48 -10.84
N GLY A 246 7.45 -19.94 -9.76
CA GLY A 246 7.82 -19.51 -8.41
C GLY A 246 8.58 -20.64 -7.71
N TYR A 247 9.35 -20.29 -6.68
CA TYR A 247 9.90 -21.34 -5.82
C TYR A 247 9.04 -21.45 -4.55
N PHE A 248 8.27 -22.51 -4.46
CA PHE A 248 7.30 -22.66 -3.38
C PHE A 248 7.80 -23.56 -2.22
N GLU A 249 7.47 -23.15 -0.99
CA GLU A 249 7.98 -23.83 0.21
C GLU A 249 6.90 -23.93 1.28
N PRO A 250 6.89 -25.05 2.05
CA PRO A 250 5.80 -25.27 2.96
C PRO A 250 5.98 -24.54 4.28
N ALA A 251 4.87 -24.04 4.81
CA ALA A 251 4.86 -23.34 6.10
C ALA A 251 4.98 -24.30 7.29
N SER A 252 4.78 -25.61 7.06
CA SER A 252 4.84 -26.58 8.15
C SER A 252 5.39 -27.94 7.71
N GLU A 253 4.72 -29.02 8.14
CA GLU A 253 5.03 -30.39 7.75
C GLU A 253 3.78 -31.28 7.77
N ARG A 259 2.42 -30.33 0.28
CA ARG A 259 1.30 -30.71 -0.58
C ARG A 259 0.51 -29.56 -1.22
N ALA A 260 0.24 -28.51 -0.45
CA ALA A 260 -0.23 -27.25 -0.99
C ALA A 260 0.91 -26.76 -1.88
N VAL A 261 2.13 -27.13 -1.50
CA VAL A 261 3.34 -26.86 -2.29
C VAL A 261 3.42 -27.70 -3.58
N ARG A 262 2.97 -28.95 -3.51
CA ARG A 262 2.96 -29.84 -4.69
C ARG A 262 1.93 -29.32 -5.69
N PHE A 263 0.78 -28.88 -5.18
CA PHE A 263 -0.20 -28.22 -6.01
C PHE A 263 0.33 -26.92 -6.68
N MET A 264 0.97 -26.04 -5.92
CA MET A 264 1.46 -24.77 -6.47
C MET A 264 2.47 -25.00 -7.56
N HIS A 265 3.39 -25.91 -7.34
CA HIS A 265 4.33 -26.31 -8.38
C HIS A 265 3.61 -26.78 -9.66
N GLN A 266 2.64 -27.65 -9.49
CA GLN A 266 2.01 -28.30 -10.63
C GLN A 266 1.09 -27.34 -11.38
N PHE A 267 0.49 -26.40 -10.64
CA PHE A 267 -0.46 -25.44 -11.20
C PHE A 267 0.24 -24.18 -11.76
N ASN A 268 1.04 -23.51 -10.93
CA ASN A 268 1.72 -22.24 -11.24
C ASN A 268 3.00 -22.38 -12.09
N ASN A 269 3.64 -23.56 -12.05
CA ASN A 269 4.93 -23.71 -12.70
C ASN A 269 4.81 -24.51 -13.99
N TYR A 270 5.93 -24.77 -14.66
CA TYR A 270 5.98 -25.48 -15.95
C TYR A 270 5.15 -26.80 -16.08
N PRO A 271 4.90 -27.58 -14.99
CA PRO A 271 4.14 -28.84 -15.22
C PRO A 271 2.74 -28.70 -15.82
N LEU A 272 2.05 -27.60 -15.53
CA LEU A 272 0.71 -27.42 -16.11
C LEU A 272 0.69 -27.62 -17.64
N PHE A 273 1.79 -27.20 -18.27
CA PHE A 273 1.97 -27.28 -19.70
C PHE A 273 2.89 -28.40 -20.15
N LEU A 274 3.94 -28.68 -19.36
CA LEU A 274 4.93 -29.71 -19.75
C LEU A 274 4.42 -31.14 -19.51
N ASN A 275 3.55 -31.30 -18.53
CA ASN A 275 2.90 -32.58 -18.41
C ASN A 275 2.09 -32.97 -19.67
N PRO A 276 1.18 -32.07 -20.19
CA PRO A 276 0.62 -32.35 -21.51
C PRO A 276 1.65 -32.57 -22.64
N ILE A 277 2.61 -31.65 -22.78
CA ILE A 277 3.56 -31.72 -23.90
C ILE A 277 4.39 -33.01 -23.94
N TYR A 278 4.90 -33.40 -22.77
CA TYR A 278 5.76 -34.60 -22.66
C TYR A 278 5.01 -35.90 -22.32
N ARG A 279 3.97 -35.80 -21.52
CA ARG A 279 3.24 -36.96 -20.96
C ARG A 279 1.79 -37.14 -21.44
N GLY A 280 1.21 -36.09 -22.02
CA GLY A 280 -0.11 -36.20 -22.62
C GLY A 280 -1.28 -36.07 -21.66
N ASP A 281 -1.07 -35.43 -20.51
CA ASP A 281 -2.20 -35.13 -19.62
C ASP A 281 -1.74 -34.08 -18.68
N TYR A 282 -2.70 -33.42 -18.03
CA TYR A 282 -2.48 -32.44 -17.00
C TYR A 282 -1.91 -33.10 -15.76
N PRO A 283 -1.13 -32.35 -14.96
CA PRO A 283 -0.61 -32.96 -13.72
C PRO A 283 -1.71 -33.34 -12.71
N GLU A 284 -1.38 -34.25 -11.79
CA GLU A 284 -2.37 -34.91 -10.95
C GLU A 284 -3.18 -33.97 -10.10
N LEU A 285 -2.50 -33.06 -9.41
CA LEU A 285 -3.25 -32.17 -8.51
C LEU A 285 -4.01 -31.04 -9.23
N VAL A 286 -3.60 -30.73 -10.46
CA VAL A 286 -4.35 -29.81 -11.32
C VAL A 286 -5.70 -30.44 -11.66
N LEU A 287 -5.70 -31.72 -12.04
CA LEU A 287 -6.95 -32.42 -12.33
C LEU A 287 -7.89 -32.54 -11.12
N GLU A 288 -7.33 -32.81 -9.94
CA GLU A 288 -8.14 -32.82 -8.69
C GLU A 288 -8.86 -31.47 -8.49
N PHE A 289 -8.13 -30.38 -8.69
CA PHE A 289 -8.69 -29.05 -8.57
C PHE A 289 -9.60 -28.66 -9.74
N ALA A 290 -9.20 -28.97 -10.96
CA ALA A 290 -9.75 -28.33 -12.16
C ALA A 290 -10.44 -29.20 -13.20
N ARG A 291 -10.57 -30.51 -12.97
CA ARG A 291 -11.20 -31.36 -13.98
C ARG A 291 -12.58 -30.83 -14.39
N GLU A 292 -13.34 -30.32 -13.42
CA GLU A 292 -14.70 -29.83 -13.70
C GLU A 292 -14.70 -28.69 -14.72
N TYR A 293 -13.59 -27.93 -14.79
CA TYR A 293 -13.49 -26.66 -15.58
C TYR A 293 -12.90 -26.88 -16.97
N LEU A 294 -12.26 -28.03 -17.16
CA LEU A 294 -11.68 -28.36 -18.46
C LEU A 294 -12.73 -28.86 -19.41
N PRO A 295 -12.48 -28.75 -20.72
CA PRO A 295 -13.43 -29.35 -21.66
C PRO A 295 -13.66 -30.82 -21.33
N GLU A 296 -14.88 -31.30 -21.61
CA GLU A 296 -15.31 -32.65 -21.25
C GLU A 296 -14.43 -33.70 -21.92
N ASN A 297 -14.11 -33.46 -23.18
CA ASN A 297 -13.32 -34.43 -23.94
C ASN A 297 -11.90 -33.89 -24.22
N TYR A 298 -11.31 -33.23 -23.23
CA TYR A 298 -9.99 -32.59 -23.37
C TYR A 298 -8.88 -33.58 -23.76
N LYS A 299 -8.98 -34.86 -23.31
CA LYS A 299 -7.96 -35.88 -23.68
C LYS A 299 -7.87 -36.13 -25.19
N ASP A 300 -8.96 -35.91 -25.92
CA ASP A 300 -8.94 -36.05 -27.37
C ASP A 300 -7.90 -35.15 -28.04
N ASP A 301 -7.50 -34.08 -27.36
CA ASP A 301 -6.60 -33.12 -27.97
C ASP A 301 -5.15 -33.41 -27.62
N MET A 302 -4.96 -34.29 -26.65
CA MET A 302 -3.66 -34.47 -26.01
C MET A 302 -2.60 -35.05 -26.95
N SER A 303 -2.98 -35.98 -27.82
CA SER A 303 -2.00 -36.55 -28.75
C SER A 303 -1.33 -35.45 -29.59
N GLU A 304 -2.12 -34.49 -30.05
CA GLU A 304 -1.60 -33.36 -30.86
C GLU A 304 -0.75 -32.39 -30.05
N ILE A 305 -1.11 -32.20 -28.78
CA ILE A 305 -0.37 -31.34 -27.86
C ILE A 305 1.05 -31.85 -27.61
N GLN A 306 1.24 -33.16 -27.81
CA GLN A 306 2.56 -33.74 -27.60
C GLN A 306 3.61 -33.41 -28.68
N GLU A 307 3.29 -32.54 -29.63
CA GLU A 307 4.21 -32.12 -30.69
C GLU A 307 5.62 -31.80 -30.09
N LYS A 308 6.68 -32.40 -30.63
CA LYS A 308 8.07 -32.22 -30.08
C LYS A 308 8.49 -30.75 -30.05
N ILE A 309 9.00 -30.28 -28.92
CA ILE A 309 9.61 -28.94 -28.83
C ILE A 309 11.14 -29.03 -28.77
N ASP A 310 11.81 -27.97 -29.16
CA ASP A 310 13.29 -27.97 -29.19
C ASP A 310 13.93 -27.48 -27.90
N PHE A 311 13.22 -26.61 -27.16
CA PHE A 311 13.73 -26.12 -25.89
C PHE A 311 12.65 -25.60 -24.96
N VAL A 312 12.98 -25.52 -23.68
CA VAL A 312 12.05 -24.92 -22.71
C VAL A 312 12.64 -23.62 -22.18
N GLY A 313 11.89 -22.53 -22.18
CA GLY A 313 12.33 -21.33 -21.50
C GLY A 313 11.68 -21.28 -20.13
N LEU A 314 12.47 -21.11 -19.07
CA LEU A 314 11.91 -20.90 -17.75
C LEU A 314 12.20 -19.48 -17.30
N ASN A 315 11.16 -18.85 -16.77
CA ASN A 315 11.27 -17.54 -16.16
C ASN A 315 11.23 -17.73 -14.68
N TYR A 316 11.94 -16.88 -13.96
CA TYR A 316 11.96 -16.97 -12.50
C TYR A 316 12.27 -15.62 -11.86
N TYR A 317 11.57 -15.28 -10.77
CA TYR A 317 11.89 -14.06 -10.00
C TYR A 317 11.64 -14.10 -8.49
N SER A 318 10.86 -15.06 -7.98
CA SER A 318 10.50 -15.06 -6.56
CA SER A 318 10.53 -15.07 -6.55
C SER A 318 10.13 -16.42 -5.94
N GLY A 319 10.27 -16.52 -4.62
CA GLY A 319 9.85 -17.69 -3.87
C GLY A 319 8.70 -17.34 -2.94
N HIS A 320 7.97 -18.36 -2.50
CA HIS A 320 6.77 -18.16 -1.70
C HIS A 320 6.63 -19.24 -0.64
N LEU A 321 6.27 -18.80 0.57
CA LEU A 321 5.83 -19.69 1.63
C LEU A 321 4.33 -19.92 1.50
N VAL A 322 3.95 -21.18 1.58
CA VAL A 322 2.67 -21.65 1.14
C VAL A 322 2.06 -22.57 2.20
N LYS A 323 0.77 -22.43 2.44
CA LYS A 323 0.08 -23.24 3.41
C LYS A 323 -1.29 -23.63 2.91
N PHE A 324 -1.72 -24.84 3.26
CA PHE A 324 -3.11 -25.20 3.11
C PHE A 324 -3.92 -24.20 3.92
N ASP A 325 -4.99 -23.70 3.32
CA ASP A 325 -5.91 -22.77 3.94
C ASP A 325 -7.29 -23.12 3.42
N PRO A 326 -8.17 -23.67 4.28
CA PRO A 326 -9.52 -24.09 3.91
C PRO A 326 -10.35 -22.95 3.35
N ASP A 327 -9.93 -21.72 3.60
CA ASP A 327 -10.71 -20.54 3.24
C ASP A 327 -10.33 -19.97 1.86
N ALA A 330 -8.55 -21.64 -3.90
CA ALA A 330 -7.94 -22.88 -4.39
C ALA A 330 -7.37 -23.75 -3.26
N LYS A 331 -7.68 -23.38 -2.02
CA LYS A 331 -7.28 -24.10 -0.80
C LYS A 331 -5.82 -23.84 -0.40
N VAL A 332 -5.27 -22.71 -0.87
CA VAL A 332 -3.89 -22.32 -0.60
C VAL A 332 -3.80 -20.82 -0.36
N SER A 333 -3.03 -20.40 0.64
CA SER A 333 -2.69 -18.98 0.77
C SER A 333 -1.20 -18.83 1.03
N PHE A 334 -0.68 -17.63 0.81
CA PHE A 334 0.74 -17.37 1.03
C PHE A 334 0.99 -16.85 2.44
N VAL A 335 2.14 -17.20 3.01
CA VAL A 335 2.54 -16.67 4.29
C VAL A 335 3.70 -15.71 4.06
N GLU A 336 3.57 -14.47 4.54
CA GLU A 336 4.67 -13.52 4.40
C GLU A 336 5.88 -13.93 5.25
N ARG A 337 7.07 -13.72 4.71
CA ARG A 337 8.32 -14.04 5.39
C ARG A 337 9.14 -12.76 5.47
N ASP A 338 9.92 -12.63 6.55
CA ASP A 338 10.66 -11.38 6.82
C ASP A 338 11.77 -11.10 5.82
N LEU A 339 11.86 -11.90 4.76
CA LEU A 339 12.95 -11.85 3.77
C LEU A 339 12.98 -10.51 3.03
N PRO A 340 14.17 -10.09 2.53
CA PRO A 340 14.17 -8.94 1.66
C PRO A 340 13.27 -9.14 0.42
N LYS A 341 12.67 -8.04 -0.02
CA LYS A 341 11.71 -8.04 -1.10
C LYS A 341 12.09 -6.95 -2.10
N THR A 342 11.63 -7.09 -3.35
CA THR A 342 11.88 -6.04 -4.36
C THR A 342 10.78 -4.97 -4.19
N ALA A 343 10.77 -3.94 -5.04
CA ALA A 343 9.68 -2.95 -5.04
C ALA A 343 8.29 -3.54 -5.38
N MET A 344 8.27 -4.72 -6.03
CA MET A 344 7.02 -5.45 -6.28
C MET A 344 6.50 -6.08 -4.99
N GLY A 345 7.39 -6.20 -4.00
CA GLY A 345 7.08 -6.87 -2.74
C GLY A 345 7.35 -8.35 -2.86
N TRP A 346 8.11 -8.74 -3.89
CA TRP A 346 8.44 -10.13 -4.15
C TRP A 346 9.69 -10.53 -3.37
N GLU A 347 9.58 -11.63 -2.62
CA GLU A 347 10.68 -12.14 -1.81
C GLU A 347 11.82 -12.60 -2.72
N ILE A 348 13.03 -12.16 -2.39
CA ILE A 348 14.24 -12.46 -3.15
C ILE A 348 14.78 -13.81 -2.64
N VAL A 349 14.62 -14.87 -3.45
CA VAL A 349 15.02 -16.23 -3.08
C VAL A 349 15.84 -16.85 -4.21
N PRO A 350 17.12 -16.51 -4.29
CA PRO A 350 17.93 -16.86 -5.47
C PRO A 350 18.08 -18.35 -5.73
N GLU A 351 18.10 -19.17 -4.66
CA GLU A 351 18.22 -20.62 -4.81
C GLU A 351 17.07 -21.22 -5.63
N GLY A 352 15.95 -20.51 -5.69
CA GLY A 352 14.79 -20.90 -6.51
C GLY A 352 15.13 -21.19 -7.96
N ILE A 353 16.01 -20.40 -8.53
CA ILE A 353 16.36 -20.53 -9.94
C ILE A 353 17.14 -21.84 -10.16
N TYR A 354 17.97 -22.18 -9.16
CA TYR A 354 18.64 -23.48 -9.14
C TYR A 354 17.62 -24.63 -8.99
N TRP A 355 16.71 -24.53 -8.02
CA TRP A 355 15.74 -25.56 -7.78
C TRP A 355 14.91 -25.87 -9.03
N ILE A 356 14.43 -24.81 -9.68
CA ILE A 356 13.55 -24.97 -10.83
C ILE A 356 14.30 -25.56 -12.02
N LEU A 357 15.57 -25.21 -12.21
CA LEU A 357 16.37 -25.80 -13.30
C LEU A 357 16.63 -27.27 -13.06
N LYS A 358 16.90 -27.63 -11.81
CA LYS A 358 17.14 -29.03 -11.43
C LYS A 358 15.86 -29.85 -11.64
N LYS A 359 14.77 -29.31 -11.11
CA LYS A 359 13.45 -29.93 -11.18
C LYS A 359 12.98 -30.20 -12.63
N VAL A 360 13.22 -29.27 -13.55
CA VAL A 360 12.78 -29.47 -14.93
C VAL A 360 13.56 -30.61 -15.64
N LYS A 361 14.87 -30.70 -15.38
CA LYS A 361 15.65 -31.82 -15.91
C LYS A 361 15.12 -33.08 -15.26
N GLU A 362 14.95 -33.03 -13.96
CA GLU A 362 14.46 -34.16 -13.22
C GLU A 362 13.11 -34.67 -13.75
N GLU A 363 12.18 -33.76 -14.05
CA GLU A 363 10.82 -34.17 -14.42
C GLU A 363 10.61 -34.49 -15.88
N TYR A 364 11.21 -33.72 -16.79
CA TYR A 364 10.88 -33.84 -18.20
C TYR A 364 12.10 -33.95 -19.08
N ASN A 365 13.25 -33.70 -18.49
CA ASN A 365 14.53 -33.75 -19.18
C ASN A 365 14.49 -33.10 -20.58
N PRO A 366 14.07 -31.81 -20.66
CA PRO A 366 14.07 -31.20 -22.00
C PRO A 366 15.50 -31.17 -22.56
N PRO A 367 15.65 -31.25 -23.90
CA PRO A 367 17.02 -31.23 -24.47
C PRO A 367 17.83 -29.92 -24.25
N GLU A 368 17.17 -28.76 -24.35
CA GLU A 368 17.79 -27.46 -24.03
C GLU A 368 16.88 -26.68 -23.09
N VAL A 369 17.48 -25.92 -22.16
CA VAL A 369 16.75 -24.97 -21.32
C VAL A 369 17.38 -23.58 -21.53
N TYR A 370 16.55 -22.52 -21.47
CA TYR A 370 17.04 -21.15 -21.38
C TYR A 370 16.37 -20.50 -20.20
N ILE A 371 17.07 -19.67 -19.45
CA ILE A 371 16.35 -18.78 -18.53
C ILE A 371 15.95 -17.60 -19.40
N THR A 372 14.66 -17.46 -19.66
CA THR A 372 14.22 -16.48 -20.66
C THR A 372 13.76 -15.19 -20.00
N GLU A 373 13.84 -15.16 -18.66
CA GLU A 373 13.40 -14.00 -17.92
C GLU A 373 13.84 -14.11 -16.49
N ASN A 374 14.58 -13.11 -16.02
CA ASN A 374 14.99 -12.97 -14.61
C ASN A 374 15.41 -11.53 -14.42
N GLY A 375 14.89 -10.88 -13.38
CA GLY A 375 15.20 -9.48 -13.11
C GLY A 375 14.42 -9.02 -11.89
N ALA A 376 14.55 -7.74 -11.54
CA ALA A 376 13.94 -7.22 -10.32
C ALA A 376 13.57 -5.76 -10.46
N ALA A 377 12.53 -5.35 -9.74
CA ALA A 377 12.17 -3.94 -9.70
C ALA A 377 12.68 -3.30 -8.44
N PHE A 378 13.41 -2.20 -8.60
CA PHE A 378 13.84 -1.37 -7.47
C PHE A 378 13.52 0.10 -7.76
N ASP A 379 13.47 0.91 -6.69
CA ASP A 379 13.13 2.33 -6.77
C ASP A 379 14.34 3.10 -7.24
N ASP A 380 14.64 2.98 -8.52
CA ASP A 380 15.79 3.64 -9.13
C ASP A 380 15.62 5.14 -9.18
N VAL A 381 16.70 5.84 -8.81
CA VAL A 381 16.83 7.29 -9.04
C VAL A 381 18.12 7.61 -9.77
N VAL A 382 18.12 8.69 -10.53
CA VAL A 382 19.33 9.24 -11.11
C VAL A 382 20.02 10.12 -10.06
N SER A 383 21.24 9.75 -9.66
CA SER A 383 22.06 10.56 -8.72
C SER A 383 22.50 11.88 -9.34
N GLU A 384 23.06 12.77 -8.50
CA GLU A 384 23.60 14.05 -8.96
C GLU A 384 24.73 13.81 -9.95
N ASP A 385 25.41 12.67 -9.80
CA ASP A 385 26.54 12.31 -10.66
C ASP A 385 26.14 11.79 -12.05
N GLY A 386 24.83 11.77 -12.31
CA GLY A 386 24.30 11.35 -13.62
C GLY A 386 24.16 9.83 -13.77
N ARG A 387 24.43 9.08 -12.71
CA ARG A 387 24.38 7.60 -12.75
C ARG A 387 23.24 6.98 -11.92
N VAL A 388 22.94 5.70 -12.18
CA VAL A 388 21.88 4.98 -11.48
C VAL A 388 22.48 3.83 -10.66
N HIS A 389 22.63 4.06 -9.37
CA HIS A 389 23.45 3.21 -8.53
C HIS A 389 22.64 2.05 -7.95
N ASP A 390 22.17 1.15 -8.82
CA ASP A 390 21.28 0.07 -8.40
C ASP A 390 22.05 -1.14 -7.92
N GLN A 391 22.77 -0.98 -6.82
CA GLN A 391 23.52 -2.08 -6.27
C GLN A 391 22.56 -3.22 -5.91
N ASN A 392 21.32 -2.86 -5.56
CA ASN A 392 20.35 -3.87 -5.13
C ASN A 392 20.02 -4.86 -6.25
N ARG A 393 19.98 -4.35 -7.48
CA ARG A 393 19.72 -5.14 -8.69
C ARG A 393 20.95 -5.91 -9.15
N ILE A 394 22.14 -5.36 -8.92
CA ILE A 394 23.39 -6.13 -9.16
C ILE A 394 23.42 -7.36 -8.25
N ASP A 395 23.13 -7.16 -6.97
CA ASP A 395 23.11 -8.26 -5.99
C ASP A 395 22.10 -9.34 -6.35
N TYR A 396 20.97 -8.89 -6.88
CA TYR A 396 19.89 -9.80 -7.30
C TYR A 396 20.38 -10.62 -8.50
N LEU A 397 20.85 -9.96 -9.55
CA LEU A 397 21.28 -10.66 -10.75
C LEU A 397 22.46 -11.61 -10.48
N LYS A 398 23.41 -11.17 -9.64
CA LYS A 398 24.61 -11.98 -9.38
C LYS A 398 24.23 -13.25 -8.66
N ALA A 399 23.38 -13.14 -7.66
CA ALA A 399 22.92 -14.28 -6.89
C ALA A 399 22.20 -15.35 -7.75
N HIS A 400 21.31 -14.92 -8.65
CA HIS A 400 20.63 -15.85 -9.59
C HIS A 400 21.55 -16.39 -10.70
N ILE A 401 22.41 -15.53 -11.26
CA ILE A 401 23.36 -16.01 -12.28
C ILE A 401 24.30 -17.09 -11.69
N GLY A 402 24.65 -16.95 -10.41
CA GLY A 402 25.47 -17.92 -9.68
C GLY A 402 24.79 -19.27 -9.51
N GLN A 403 23.48 -19.24 -9.24
CA GLN A 403 22.68 -20.47 -9.09
C GLN A 403 22.47 -21.16 -10.44
N ALA A 404 22.23 -20.38 -11.47
CA ALA A 404 22.20 -20.91 -12.83
C ALA A 404 23.54 -21.61 -13.17
N TRP A 405 24.65 -20.97 -12.81
CA TRP A 405 25.98 -21.57 -13.02
C TRP A 405 26.05 -22.95 -12.38
N LYS A 406 25.55 -23.03 -11.14
CA LYS A 406 25.52 -24.24 -10.33
C LYS A 406 24.83 -25.42 -11.03
N ALA A 407 23.60 -25.14 -11.48
CA ALA A 407 22.82 -26.06 -12.28
C ALA A 407 23.55 -26.54 -13.52
N ILE A 408 24.34 -25.67 -14.16
CA ILE A 408 25.10 -26.10 -15.32
C ILE A 408 26.22 -27.08 -14.89
N GLN A 409 26.77 -26.84 -13.71
CA GLN A 409 27.82 -27.71 -13.15
C GLN A 409 27.27 -29.09 -12.86
N GLU A 410 25.99 -29.14 -12.49
CA GLU A 410 25.28 -30.39 -12.22
C GLU A 410 24.50 -30.91 -13.44
N GLY A 411 24.87 -30.48 -14.63
CA GLY A 411 24.46 -31.13 -15.89
C GLY A 411 23.14 -30.67 -16.50
N VAL A 412 22.60 -29.55 -16.04
CA VAL A 412 21.39 -28.98 -16.65
C VAL A 412 21.80 -28.33 -17.96
N PRO A 413 21.14 -28.72 -19.07
CA PRO A 413 21.55 -28.20 -20.36
C PRO A 413 21.07 -26.76 -20.62
N LEU A 414 21.42 -25.86 -19.71
CA LEU A 414 21.15 -24.41 -19.84
C LEU A 414 21.98 -23.79 -20.97
N LYS A 415 21.34 -23.22 -21.98
CA LYS A 415 22.12 -22.71 -23.10
C LYS A 415 22.18 -21.19 -23.12
N GLY A 416 21.45 -20.57 -22.21
CA GLY A 416 21.31 -19.12 -22.26
C GLY A 416 20.58 -18.54 -21.08
N TYR A 417 20.71 -17.22 -20.94
CA TYR A 417 20.18 -16.48 -19.80
C TYR A 417 19.82 -15.05 -20.25
N PHE A 418 18.55 -14.64 -20.03
CA PHE A 418 18.01 -13.33 -20.49
C PHE A 418 17.59 -12.46 -19.28
N VAL A 419 18.21 -11.30 -19.17
CA VAL A 419 17.87 -10.40 -18.12
C VAL A 419 16.59 -9.68 -18.55
N TRP A 420 15.64 -9.63 -17.65
CA TRP A 420 14.47 -8.77 -17.83
C TRP A 420 14.71 -7.52 -16.97
N SER A 421 14.80 -6.34 -17.57
CA SER A 421 14.59 -6.09 -19.00
C SER A 421 15.75 -5.22 -19.48
N LEU A 422 15.88 -5.06 -20.81
CA LEU A 422 16.80 -4.07 -21.31
C LEU A 422 16.46 -2.68 -20.73
N LEU A 423 15.18 -2.34 -20.84
CA LEU A 423 14.67 -1.00 -20.53
C LEU A 423 13.61 -1.05 -19.45
N ASP A 424 13.59 -0.01 -18.61
CA ASP A 424 12.40 0.30 -17.83
C ASP A 424 11.24 0.44 -18.83
N ASN A 425 10.05 -0.04 -18.48
CA ASN A 425 9.01 -0.12 -19.49
C ASN A 425 7.64 -0.17 -18.81
N PHE A 426 6.58 -0.31 -19.60
CA PHE A 426 5.20 -0.46 -19.08
C PHE A 426 5.01 -1.78 -18.35
N GLU A 427 4.90 -1.74 -17.02
CA GLU A 427 4.80 -2.99 -16.26
C GLU A 427 3.33 -3.40 -16.06
N TRP A 428 2.62 -3.65 -17.18
CA TRP A 428 1.24 -4.20 -17.18
C TRP A 428 0.35 -3.43 -16.22
N ALA A 429 -0.37 -4.07 -15.31
CA ALA A 429 -1.33 -3.36 -14.46
C ALA A 429 -0.66 -2.38 -13.46
N GLU A 430 0.67 -2.47 -13.29
CA GLU A 430 1.42 -1.53 -12.43
C GLU A 430 1.81 -0.29 -13.19
N GLY A 431 1.60 -0.29 -14.51
CA GLY A 431 2.02 0.80 -15.37
C GLY A 431 3.51 1.12 -15.26
N TYR A 432 3.85 2.40 -15.37
CA TYR A 432 5.26 2.81 -15.32
C TYR A 432 5.89 2.91 -13.92
N SER A 433 5.12 2.62 -12.88
CA SER A 433 5.61 2.79 -11.50
C SER A 433 6.70 1.76 -11.08
N LYS A 434 6.90 0.73 -11.90
CA LYS A 434 7.87 -0.32 -11.60
C LYS A 434 8.96 -0.41 -12.67
N ARG A 435 10.21 -0.22 -12.27
CA ARG A 435 11.33 -0.18 -13.24
C ARG A 435 12.17 -1.47 -13.13
N PHE A 436 12.21 -2.25 -14.21
CA PHE A 436 12.96 -3.54 -14.27
C PHE A 436 14.21 -3.46 -15.16
N GLY A 437 14.47 -2.33 -15.82
CA GLY A 437 15.57 -2.23 -16.77
C GLY A 437 16.99 -2.26 -16.18
N ILE A 438 17.95 -2.55 -17.02
CA ILE A 438 19.36 -2.37 -16.70
C ILE A 438 19.71 -1.04 -17.37
N VAL A 439 18.72 -0.48 -18.05
CA VAL A 439 18.80 0.86 -18.62
C VAL A 439 17.59 1.62 -18.10
N TYR A 440 17.88 2.74 -17.42
CA TYR A 440 16.87 3.71 -16.99
C TYR A 440 16.30 4.45 -18.19
N VAL A 441 14.98 4.65 -18.19
CA VAL A 441 14.35 5.48 -19.18
C VAL A 441 13.66 6.64 -18.44
N ASP A 442 14.10 7.85 -18.80
CA ASP A 442 13.42 9.07 -18.37
C ASP A 442 12.30 9.33 -19.35
N TYR A 443 11.08 9.08 -18.90
CA TYR A 443 9.95 9.10 -19.79
C TYR A 443 9.61 10.49 -20.27
N SER A 444 9.96 11.51 -19.51
CA SER A 444 9.67 12.91 -19.95
C SER A 444 10.43 13.27 -21.23
N THR A 445 11.63 12.71 -21.39
CA THR A 445 12.51 13.01 -22.52
C THR A 445 12.81 11.81 -23.39
N GLN A 446 12.55 10.61 -22.86
CA GLN A 446 12.96 9.33 -23.48
C GLN A 446 14.46 9.08 -23.46
N LYS A 447 15.16 9.84 -22.63
CA LYS A 447 16.58 9.62 -22.43
C LYS A 447 16.79 8.24 -21.81
N ARG A 448 17.80 7.53 -22.30
CA ARG A 448 18.25 6.25 -21.74
C ARG A 448 19.54 6.49 -20.95
N ILE A 449 19.61 5.92 -19.76
CA ILE A 449 20.78 6.00 -18.91
C ILE A 449 21.12 4.59 -18.46
N VAL A 450 22.25 4.06 -18.95
CA VAL A 450 22.68 2.73 -18.54
C VAL A 450 22.87 2.73 -17.01
N LYS A 451 22.23 1.80 -16.34
CA LYS A 451 22.33 1.71 -14.89
C LYS A 451 23.63 0.97 -14.54
N ASP A 452 24.07 1.09 -13.28
CA ASP A 452 25.25 0.32 -12.82
C ASP A 452 25.07 -1.19 -13.09
N SER A 453 23.84 -1.67 -12.96
CA SER A 453 23.54 -3.10 -13.22
C SER A 453 23.80 -3.48 -14.67
N GLY A 454 23.50 -2.57 -15.60
CA GLY A 454 23.81 -2.70 -17.03
C GLY A 454 25.30 -2.78 -17.31
N TYR A 455 26.07 -1.89 -16.65
CA TYR A 455 27.53 -1.94 -16.82
C TYR A 455 28.05 -3.21 -16.25
N TRP A 456 27.55 -3.59 -15.09
CA TRP A 456 27.95 -4.81 -14.40
C TRP A 456 27.67 -6.04 -15.25
N TYR A 457 26.50 -6.08 -15.87
CA TYR A 457 26.09 -7.29 -16.62
C TYR A 457 26.91 -7.43 -17.89
N SER A 458 27.18 -6.30 -18.52
CA SER A 458 28.03 -6.21 -19.71
C SER A 458 29.43 -6.77 -19.48
N ASN A 459 29.88 -6.68 -18.23
CA ASN A 459 31.20 -7.21 -17.86
C ASN A 459 31.10 -8.71 -17.71
N VAL A 460 30.03 -9.16 -17.09
CA VAL A 460 29.70 -10.59 -17.02
C VAL A 460 29.66 -11.22 -18.43
N VAL A 461 29.01 -10.57 -19.38
CA VAL A 461 28.92 -11.11 -20.73
C VAL A 461 30.30 -11.22 -21.37
N LYS A 462 31.02 -10.09 -21.45
CA LYS A 462 32.42 -10.04 -21.93
C LYS A 462 33.32 -11.15 -21.34
N ASN A 463 33.27 -11.35 -20.01
CA ASN A 463 34.05 -12.43 -19.38
C ASN A 463 33.41 -13.82 -19.46
N ASN A 464 32.23 -13.92 -20.08
CA ASN A 464 31.46 -15.17 -20.08
C ASN A 464 31.22 -15.76 -18.70
N GLY A 465 30.99 -14.91 -17.70
CA GLY A 465 30.57 -15.38 -16.37
C GLY A 465 30.97 -14.41 -15.26
N LEU A 466 30.88 -14.87 -14.02
CA LEU A 466 31.16 -14.08 -12.82
C LEU A 466 32.61 -14.24 -12.26
N GLU A 467 32.92 -13.44 -11.25
CA GLU A 467 34.18 -13.48 -10.48
C GLU A 467 34.05 -12.63 -9.22
N ASN B 24 2.65 -6.68 -1.75
CA ASN B 24 3.04 -5.23 -1.81
C ASN B 24 1.93 -4.23 -1.43
N VAL B 25 0.86 -4.18 -2.23
CA VAL B 25 -0.25 -3.24 -2.01
C VAL B 25 -1.11 -3.57 -0.79
N LYS B 26 -1.32 -2.56 0.06
CA LYS B 26 -2.16 -2.70 1.24
C LYS B 26 -3.48 -2.02 0.93
N LYS B 27 -4.43 -2.80 0.44
CA LYS B 27 -5.74 -2.28 0.14
C LYS B 27 -6.52 -2.29 1.44
N PHE B 28 -7.12 -1.15 1.78
CA PHE B 28 -7.95 -1.09 2.99
C PHE B 28 -9.38 -1.54 2.62
N PRO B 29 -10.19 -1.92 3.64
CA PRO B 29 -11.60 -2.31 3.43
C PRO B 29 -12.37 -1.27 2.62
N GLU B 30 -13.51 -1.67 2.07
CA GLU B 30 -14.31 -0.77 1.23
C GLU B 30 -15.11 0.20 2.09
N GLY B 31 -14.99 1.49 1.80
CA GLY B 31 -15.70 2.53 2.53
C GLY B 31 -14.94 3.04 3.75
N PHE B 32 -13.69 2.57 3.91
CA PHE B 32 -12.76 3.07 4.91
C PHE B 32 -12.62 4.61 4.86
N LEU B 33 -12.66 5.25 6.01
CA LEU B 33 -12.65 6.72 6.07
C LEU B 33 -11.23 7.27 6.26
N TRP B 34 -10.73 8.04 5.30
CA TRP B 34 -9.40 8.65 5.48
C TRP B 34 -9.63 10.10 5.83
N GLY B 35 -9.10 10.52 6.98
CA GLY B 35 -9.43 11.87 7.45
C GLY B 35 -8.22 12.66 7.84
N VAL B 36 -8.46 13.93 8.16
CA VAL B 36 -7.48 14.79 8.83
C VAL B 36 -8.12 15.39 10.09
N ALA B 37 -7.30 15.82 11.03
CA ALA B 37 -7.82 16.27 12.32
C ALA B 37 -7.21 17.58 12.79
N THR B 38 -8.00 18.35 13.52
CA THR B 38 -7.55 19.59 14.14
C THR B 38 -8.29 19.74 15.48
N ALA B 39 -7.99 20.83 16.20
CA ALA B 39 -8.79 21.24 17.37
C ALA B 39 -8.99 22.76 17.38
N SER B 40 -10.14 23.24 17.85
CA SER B 40 -10.49 24.67 17.83
C SER B 40 -9.40 25.62 18.35
N TYR B 41 -8.90 25.39 19.58
CA TYR B 41 -7.90 26.31 20.14
C TYR B 41 -6.54 26.23 19.41
N GLN B 42 -6.26 25.11 18.75
CA GLN B 42 -4.95 24.94 18.15
C GLN B 42 -4.84 25.71 16.82
N ILE B 43 -5.98 26.00 16.20
CA ILE B 43 -5.97 26.56 14.83
C ILE B 43 -6.72 27.86 14.66
N GLU B 44 -7.73 28.09 15.50
CA GLU B 44 -8.69 29.16 15.22
C GLU B 44 -8.23 30.61 15.39
N GLY B 45 -7.55 30.92 16.50
CA GLY B 45 -7.34 32.30 16.91
C GLY B 45 -8.67 33.01 17.09
N SER B 46 -8.63 34.32 17.27
CA SER B 46 -9.81 35.11 17.62
C SER B 46 -10.65 34.51 18.76
N PRO B 47 -10.01 34.20 19.91
CA PRO B 47 -10.71 33.48 21.00
C PRO B 47 -11.80 34.31 21.67
N LEU B 48 -11.68 35.64 21.59
CA LEU B 48 -12.67 36.53 22.18
C LEU B 48 -13.56 37.23 21.14
N ALA B 49 -13.42 36.85 19.87
CA ALA B 49 -14.24 37.42 18.79
C ALA B 49 -15.72 37.10 18.93
N ASP B 50 -16.58 38.02 18.53
CA ASP B 50 -18.02 37.74 18.33
C ASP B 50 -18.72 37.17 19.56
N GLY B 51 -18.35 37.69 20.70
CA GLY B 51 -19.06 37.43 21.95
C GLY B 51 -18.63 36.18 22.68
N ALA B 52 -17.57 35.55 22.21
CA ALA B 52 -17.10 34.32 22.83
C ALA B 52 -16.50 34.58 24.24
N GLY B 53 -16.78 33.69 25.19
CA GLY B 53 -16.18 33.80 26.51
C GLY B 53 -14.77 33.26 26.51
N MET B 54 -13.99 33.59 27.52
CA MET B 54 -12.63 33.08 27.63
C MET B 54 -12.67 31.56 27.87
N SER B 55 -11.65 30.87 27.39
CA SER B 55 -11.47 29.48 27.80
C SER B 55 -10.31 29.39 28.80
N ILE B 56 -10.14 28.22 29.39
CA ILE B 56 -9.03 27.94 30.30
C ILE B 56 -7.71 27.95 29.56
N TRP B 57 -7.70 27.68 28.26
CA TRP B 57 -6.42 27.76 27.50
C TRP B 57 -6.01 29.21 27.20
N HIS B 58 -6.97 30.10 27.06
CA HIS B 58 -6.67 31.55 26.89
C HIS B 58 -6.00 32.05 28.17
N THR B 59 -6.63 31.82 29.30
CA THR B 59 -6.06 32.29 30.58
C THR B 59 -4.77 31.53 30.96
N PHE B 60 -4.71 30.22 30.69
CA PHE B 60 -3.47 29.47 30.95
C PHE B 60 -2.30 29.94 30.07
N SER B 61 -2.56 30.13 28.77
CA SER B 61 -1.49 30.57 27.89
C SER B 61 -1.10 32.05 28.12
N HIS B 62 -2.04 32.87 28.59
CA HIS B 62 -1.74 34.26 28.95
C HIS B 62 -1.08 34.43 30.31
N THR B 63 -0.82 33.31 31.00
CA THR B 63 -0.06 33.29 32.24
C THR B 63 1.41 33.04 31.95
N PRO B 64 2.30 33.99 32.29
CA PRO B 64 3.71 33.76 31.98
C PRO B 64 4.32 32.49 32.59
N GLY B 65 5.10 31.78 31.78
CA GLY B 65 5.76 30.57 32.24
C GLY B 65 5.07 29.27 31.88
N ASN B 66 3.85 29.33 31.38
CA ASN B 66 3.09 28.10 31.16
C ASN B 66 3.33 27.49 29.79
N VAL B 67 3.58 28.36 28.80
CA VAL B 67 3.80 27.94 27.40
C VAL B 67 5.19 28.43 26.87
N LYS B 68 5.86 27.61 26.06
CA LYS B 68 7.18 27.95 25.51
C LYS B 68 7.10 29.26 24.73
N ASN B 69 8.08 30.14 24.93
CA ASN B 69 8.16 31.43 24.21
C ASN B 69 6.95 32.31 24.48
N GLY B 70 6.19 31.99 25.52
CA GLY B 70 4.96 32.72 25.84
C GLY B 70 3.95 32.72 24.71
N ASP B 71 3.94 31.69 23.88
CA ASP B 71 2.99 31.60 22.78
C ASP B 71 1.58 31.46 23.32
N THR B 72 0.59 31.90 22.55
CA THR B 72 -0.81 31.76 22.92
C THR B 72 -1.58 31.33 21.68
N GLY B 73 -2.88 31.05 21.84
CA GLY B 73 -3.78 30.82 20.71
C GLY B 73 -4.53 32.05 20.23
N ASP B 74 -3.99 33.22 20.46
CA ASP B 74 -4.63 34.48 20.06
C ASP B 74 -4.81 34.55 18.53
N VAL B 75 -3.80 34.11 17.79
CA VAL B 75 -3.84 34.14 16.33
C VAL B 75 -3.78 32.73 15.78
N ALA B 76 -2.80 31.95 16.21
CA ALA B 76 -2.61 30.60 15.72
C ALA B 76 -2.57 30.58 14.18
N CYS B 77 -3.48 29.83 13.56
CA CYS B 77 -3.53 29.71 12.11
C CYS B 77 -4.55 30.64 11.49
N ASP B 78 -5.22 31.42 12.33
CA ASP B 78 -6.29 32.30 11.89
C ASP B 78 -7.37 31.56 11.08
N HIS B 79 -7.67 30.33 11.50
CA HIS B 79 -8.72 29.52 10.86
C HIS B 79 -10.11 30.10 11.14
N TYR B 80 -10.24 30.95 12.15
CA TYR B 80 -11.51 31.64 12.36
C TYR B 80 -11.90 32.51 11.14
N ASN B 81 -10.89 33.01 10.44
CA ASN B 81 -11.13 33.82 9.23
C ASN B 81 -10.81 33.05 7.92
N ARG B 82 -9.87 32.11 7.99
CA ARG B 82 -9.34 31.41 6.81
C ARG B 82 -9.90 30.00 6.59
N TRP B 83 -11.03 29.72 7.26
CA TRP B 83 -11.67 28.40 7.24
C TRP B 83 -12.10 27.86 5.87
N LYS B 84 -12.64 28.72 5.00
CA LYS B 84 -13.02 28.30 3.64
C LYS B 84 -11.77 27.89 2.87
N GLU B 85 -10.76 28.74 2.89
CA GLU B 85 -9.41 28.39 2.40
C GLU B 85 -9.04 26.97 2.82
N ASP B 86 -9.02 26.72 4.13
CA ASP B 86 -8.54 25.45 4.70
C ASP B 86 -9.35 24.21 4.30
N ILE B 87 -10.66 24.37 4.20
CA ILE B 87 -11.54 23.28 3.78
C ILE B 87 -11.27 22.92 2.32
N GLU B 88 -10.94 23.94 1.52
CA GLU B 88 -10.60 23.72 0.10
C GLU B 88 -9.31 22.92 -0.09
N ILE B 89 -8.39 22.99 0.88
CA ILE B 89 -7.17 22.16 0.85
C ILE B 89 -7.50 20.70 1.12
N ILE B 90 -8.40 20.45 2.07
CA ILE B 90 -8.91 19.10 2.34
C ILE B 90 -9.50 18.58 1.03
N GLU B 91 -10.38 19.40 0.44
CA GLU B 91 -11.04 19.13 -0.84
C GLU B 91 -10.04 18.84 -1.97
N LYS B 92 -9.10 19.76 -2.18
CA LYS B 92 -8.03 19.59 -3.16
C LYS B 92 -7.21 18.32 -2.91
N LEU B 93 -7.02 17.95 -1.66
CA LEU B 93 -6.29 16.72 -1.34
C LEU B 93 -7.21 15.50 -1.45
N GLY B 94 -8.51 15.76 -1.52
CA GLY B 94 -9.52 14.70 -1.65
C GLY B 94 -9.74 13.86 -0.40
N VAL B 95 -9.20 14.30 0.74
CA VAL B 95 -9.38 13.59 2.01
C VAL B 95 -10.90 13.52 2.30
N LYS B 96 -11.39 12.38 2.77
CA LYS B 96 -12.84 12.14 2.84
C LYS B 96 -13.51 12.52 4.18
N ALA B 97 -12.71 12.72 5.21
CA ALA B 97 -13.25 13.13 6.52
C ALA B 97 -12.41 14.21 7.21
N TYR B 98 -13.09 15.02 8.02
CA TYR B 98 -12.45 16.07 8.81
C TYR B 98 -12.96 15.95 10.25
N ARG B 99 -12.03 15.61 11.15
CA ARG B 99 -12.27 15.65 12.57
C ARG B 99 -11.86 17.04 13.07
N PHE B 100 -12.83 17.83 13.53
CA PHE B 100 -12.54 19.13 14.14
C PHE B 100 -13.30 19.29 15.45
N SER B 101 -12.88 20.23 16.29
CA SER B 101 -13.60 20.45 17.54
C SER B 101 -14.39 21.76 17.62
N ILE B 102 -15.35 21.80 18.53
CA ILE B 102 -16.13 23.00 18.76
C ILE B 102 -15.71 23.65 20.10
N SER B 103 -15.43 24.95 20.04
CA SER B 103 -15.01 25.69 21.20
C SER B 103 -16.25 26.01 22.05
N TRP B 104 -16.41 25.28 23.15
CA TRP B 104 -17.52 25.48 24.12
C TRP B 104 -17.82 26.96 24.44
N PRO B 105 -16.80 27.76 24.87
CA PRO B 105 -17.14 29.15 25.19
C PRO B 105 -17.45 30.07 24.00
N ARG B 106 -17.22 29.64 22.76
CA ARG B 106 -17.85 30.35 21.61
C ARG B 106 -19.37 30.14 21.62
N ILE B 107 -19.83 28.95 22.02
CA ILE B 107 -21.24 28.60 21.98
C ILE B 107 -21.98 29.07 23.23
N LEU B 108 -21.38 28.82 24.39
CA LEU B 108 -21.95 29.26 25.65
C LEU B 108 -20.87 30.02 26.40
N PRO B 109 -20.84 31.35 26.22
CA PRO B 109 -19.76 32.14 26.78
C PRO B 109 -19.59 32.00 28.29
N GLU B 110 -20.69 31.80 29.01
CA GLU B 110 -20.65 31.60 30.47
CA GLU B 110 -20.69 31.61 30.47
C GLU B 110 -20.65 30.13 30.85
N GLY B 111 -20.41 29.25 29.87
CA GLY B 111 -20.46 27.81 30.08
C GLY B 111 -21.85 27.20 30.03
N THR B 112 -22.82 27.86 30.67
CA THR B 112 -24.20 27.43 30.62
C THR B 112 -25.04 28.66 30.35
N GLY B 113 -26.32 28.45 30.06
CA GLY B 113 -27.25 29.56 29.93
C GLY B 113 -27.32 30.08 28.51
N ARG B 114 -26.91 31.33 28.36
CA ARG B 114 -27.09 32.07 27.11
C ARG B 114 -26.29 31.50 25.94
N VAL B 115 -26.98 31.26 24.83
CA VAL B 115 -26.31 30.78 23.60
C VAL B 115 -25.84 31.93 22.70
N ASN B 116 -24.62 31.80 22.17
CA ASN B 116 -24.04 32.82 21.33
C ASN B 116 -24.25 32.46 19.85
N GLN B 117 -25.20 33.14 19.20
CA GLN B 117 -25.56 32.90 17.79
C GLN B 117 -24.38 32.98 16.83
N LYS B 118 -23.50 33.96 17.01
CA LYS B 118 -22.31 34.09 16.18
C LYS B 118 -21.46 32.83 16.24
N GLY B 119 -21.46 32.16 17.40
CA GLY B 119 -20.69 30.94 17.58
C GLY B 119 -21.33 29.85 16.79
N LEU B 120 -22.66 29.76 16.90
CA LEU B 120 -23.44 28.82 16.11
C LEU B 120 -23.16 28.98 14.60
N ASP B 121 -23.18 30.23 14.14
CA ASP B 121 -22.92 30.56 12.73
C ASP B 121 -21.56 30.04 12.27
N PHE B 122 -20.50 30.32 13.02
CA PHE B 122 -19.15 29.95 12.59
C PHE B 122 -19.02 28.47 12.28
N TYR B 123 -19.63 27.61 13.10
CA TYR B 123 -19.53 26.18 12.87
C TYR B 123 -20.52 25.68 11.79
N ASN B 124 -21.71 26.28 11.72
CA ASN B 124 -22.69 25.93 10.67
C ASN B 124 -22.13 26.16 9.26
N ARG B 125 -21.53 27.32 9.04
CA ARG B 125 -20.79 27.57 7.78
C ARG B 125 -19.73 26.49 7.48
N ILE B 126 -18.92 26.10 8.47
CA ILE B 126 -17.92 25.04 8.25
C ILE B 126 -18.61 23.70 7.97
N ILE B 127 -19.67 23.42 8.73
CA ILE B 127 -20.43 22.18 8.53
C ILE B 127 -21.00 22.12 7.09
N ASP B 128 -21.60 23.21 6.65
CA ASP B 128 -22.26 23.26 5.33
C ASP B 128 -21.25 23.07 4.22
N THR B 129 -20.19 23.87 4.24
CA THR B 129 -19.09 23.77 3.28
C THR B 129 -18.54 22.34 3.14
N LEU B 130 -18.29 21.67 4.27
CA LEU B 130 -17.83 20.28 4.27
C LEU B 130 -18.84 19.32 3.59
N LEU B 131 -20.13 19.50 3.89
CA LEU B 131 -21.19 18.68 3.29
C LEU B 131 -21.33 18.90 1.77
N GLU B 132 -21.38 20.17 1.37
CA GLU B 132 -21.41 20.63 -0.03
C GLU B 132 -20.22 20.10 -0.86
N LYS B 133 -19.16 19.66 -0.17
CA LYS B 133 -17.95 19.14 -0.83
C LYS B 133 -17.73 17.64 -0.66
N GLY B 134 -18.67 16.96 -0.02
CA GLY B 134 -18.55 15.52 0.21
C GLY B 134 -17.49 15.11 1.21
N ILE B 135 -17.10 16.01 2.12
CA ILE B 135 -16.25 15.66 3.26
C ILE B 135 -17.14 15.44 4.50
N THR B 136 -16.99 14.28 5.13
CA THR B 136 -17.77 13.88 6.31
C THR B 136 -17.24 14.51 7.61
N PRO B 137 -18.07 15.30 8.30
CA PRO B 137 -17.64 15.89 9.59
C PRO B 137 -17.63 14.89 10.78
N PHE B 138 -16.49 14.81 11.48
CA PHE B 138 -16.42 14.16 12.78
C PHE B 138 -16.15 15.23 13.84
N VAL B 139 -17.17 15.56 14.63
CA VAL B 139 -17.11 16.67 15.57
C VAL B 139 -16.70 16.20 16.98
N THR B 140 -15.61 16.80 17.49
CA THR B 140 -15.19 16.62 18.87
C THR B 140 -15.86 17.70 19.70
N ILE B 141 -16.75 17.28 20.59
CA ILE B 141 -17.46 18.17 21.46
C ILE B 141 -16.48 18.92 22.40
N TYR B 142 -15.55 18.17 22.99
CA TYR B 142 -14.61 18.74 23.96
C TYR B 142 -13.20 18.42 23.63
N HIS B 143 -12.45 19.43 23.23
CA HIS B 143 -11.02 19.22 23.02
C HIS B 143 -10.24 20.27 23.82
N TRP B 144 -10.59 20.37 25.12
CA TRP B 144 -9.75 20.95 26.19
C TRP B 144 -9.97 22.43 26.50
N ASP B 145 -10.73 23.10 25.65
CA ASP B 145 -10.98 24.54 25.87
C ASP B 145 -12.25 24.79 26.70
N LEU B 146 -12.18 24.37 27.96
CA LEU B 146 -13.31 24.53 28.89
C LEU B 146 -13.54 26.03 29.05
N PRO B 147 -14.80 26.48 29.12
CA PRO B 147 -15.08 27.90 29.43
C PRO B 147 -14.45 28.30 30.79
N PHE B 148 -13.78 29.44 30.80
CA PHE B 148 -13.17 29.92 32.03
C PHE B 148 -14.21 30.09 33.16
N ALA B 149 -15.44 30.50 32.79
CA ALA B 149 -16.54 30.68 33.78
C ALA B 149 -16.82 29.40 34.58
N LEU B 150 -16.64 28.26 33.92
CA LEU B 150 -16.82 26.98 34.57
C LEU B 150 -15.64 26.54 35.43
N GLN B 151 -14.41 26.84 34.98
CA GLN B 151 -13.23 26.66 35.80
C GLN B 151 -13.34 27.40 37.14
N LEU B 152 -13.90 28.60 37.11
CA LEU B 152 -14.07 29.36 38.36
C LEU B 152 -14.99 28.61 39.30
N LYS B 153 -15.83 27.73 38.75
CA LYS B 153 -16.66 26.85 39.60
C LYS B 153 -16.08 25.44 39.77
N GLY B 154 -14.79 25.28 39.53
CA GLY B 154 -14.08 24.00 39.81
C GLY B 154 -13.84 23.12 38.57
N GLY B 155 -14.44 23.53 37.45
CA GLY B 155 -14.33 22.81 36.17
C GLY B 155 -14.59 21.32 36.35
N TRP B 156 -13.67 20.50 35.83
CA TRP B 156 -13.84 19.03 35.89
C TRP B 156 -13.80 18.45 37.30
N ALA B 157 -13.37 19.24 38.27
CA ALA B 157 -13.42 18.85 39.67
C ALA B 157 -14.84 18.85 40.21
N ASN B 158 -15.75 19.59 39.58
CA ASN B 158 -17.04 19.80 40.20
C ASN B 158 -18.01 18.75 39.66
N ARG B 159 -18.66 17.98 40.51
CA ARG B 159 -19.68 17.01 40.03
C ARG B 159 -20.70 17.60 39.07
N GLU B 160 -21.03 18.88 39.27
CA GLU B 160 -21.96 19.65 38.43
CA GLU B 160 -22.04 19.50 38.42
C GLU B 160 -21.63 19.66 36.95
N ILE B 161 -20.36 19.45 36.62
CA ILE B 161 -19.98 19.52 35.22
C ILE B 161 -20.72 18.47 34.40
N ALA B 162 -21.20 17.39 35.03
CA ALA B 162 -21.95 16.40 34.24
C ALA B 162 -23.21 17.09 33.66
N ASP B 163 -23.87 17.95 34.47
CA ASP B 163 -24.99 18.79 33.97
C ASP B 163 -24.57 19.80 32.94
N TRP B 164 -23.49 20.52 33.23
CA TRP B 164 -23.03 21.57 32.32
C TRP B 164 -22.71 20.95 30.96
N PHE B 165 -22.03 19.82 30.97
CA PHE B 165 -21.60 19.18 29.73
C PHE B 165 -22.78 18.63 28.91
N ALA B 166 -23.76 18.07 29.60
CA ALA B 166 -25.01 17.59 28.99
C ALA B 166 -25.73 18.75 28.30
N GLU B 167 -25.74 19.92 28.95
CA GLU B 167 -26.53 21.05 28.47
C GLU B 167 -25.87 21.64 27.24
N TYR B 168 -24.54 21.70 27.28
CA TYR B 168 -23.74 22.10 26.15
C TYR B 168 -23.92 21.11 24.98
N SER B 169 -23.71 19.83 25.25
CA SER B 169 -23.89 18.75 24.27
C SER B 169 -25.26 18.83 23.55
N ARG B 170 -26.34 18.95 24.32
CA ARG B 170 -27.70 19.21 23.78
C ARG B 170 -27.77 20.37 22.78
N VAL B 171 -27.15 21.51 23.10
CA VAL B 171 -27.17 22.65 22.21
C VAL B 171 -26.50 22.26 20.85
N LEU B 172 -25.36 21.58 20.92
CA LEU B 172 -24.67 21.08 19.72
C LEU B 172 -25.52 20.07 18.92
N PHE B 173 -26.16 19.15 19.63
CA PHE B 173 -26.95 18.11 18.96
C PHE B 173 -28.15 18.79 18.27
N GLU B 174 -28.83 19.68 19.00
CA GLU B 174 -30.01 20.35 18.47
C GLU B 174 -29.70 21.34 17.33
N ASN B 175 -28.50 21.89 17.31
CA ASN B 175 -28.16 22.89 16.31
C ASN B 175 -27.44 22.30 15.12
N PHE B 176 -26.74 21.17 15.33
CA PHE B 176 -25.84 20.65 14.30
C PHE B 176 -26.12 19.23 13.85
N GLY B 177 -26.96 18.52 14.60
CA GLY B 177 -27.09 17.06 14.48
C GLY B 177 -27.96 16.61 13.34
N ASP B 178 -28.66 17.56 12.72
CA ASP B 178 -29.41 17.35 11.50
C ASP B 178 -28.46 17.06 10.31
N ARG B 179 -27.22 17.53 10.41
CA ARG B 179 -26.20 17.33 9.38
C ARG B 179 -24.97 16.55 9.83
N VAL B 180 -24.55 16.75 11.08
CA VAL B 180 -23.39 16.02 11.60
C VAL B 180 -23.90 14.73 12.27
N LYS B 181 -23.36 13.59 11.87
CA LYS B 181 -23.87 12.30 12.35
C LYS B 181 -22.78 11.49 13.05
N ASN B 182 -21.57 12.03 13.09
CA ASN B 182 -20.48 11.38 13.81
C ASN B 182 -19.90 12.31 14.90
N TRP B 183 -19.88 11.83 16.13
CA TRP B 183 -19.67 12.69 17.31
C TRP B 183 -18.73 11.99 18.28
N ILE B 184 -17.92 12.80 18.96
CA ILE B 184 -16.96 12.30 19.95
C ILE B 184 -17.22 13.19 21.14
N THR B 185 -17.41 12.58 22.31
CA THR B 185 -17.73 13.39 23.49
C THR B 185 -16.45 14.09 23.95
N LEU B 186 -15.45 13.32 24.31
CA LEU B 186 -14.23 13.81 24.92
C LEU B 186 -13.01 13.39 24.13
N ASN B 187 -12.15 14.35 23.85
CA ASN B 187 -10.79 14.05 23.43
C ASN B 187 -9.85 13.81 24.60
N GLU B 188 -9.39 12.57 24.74
CA GLU B 188 -8.27 12.18 25.61
C GLU B 188 -8.49 12.64 27.04
N PRO B 189 -9.54 12.10 27.70
CA PRO B 189 -9.80 12.52 29.08
C PRO B 189 -8.65 12.22 30.05
N TRP B 190 -7.80 11.22 29.75
CA TRP B 190 -6.63 11.01 30.58
C TRP B 190 -5.76 12.27 30.62
N VAL B 191 -5.55 12.88 29.45
CA VAL B 191 -4.75 14.10 29.36
C VAL B 191 -5.43 15.25 30.11
N VAL B 192 -6.72 15.42 29.89
CA VAL B 192 -7.49 16.47 30.58
C VAL B 192 -7.33 16.37 32.12
N ALA B 193 -7.54 15.16 32.62
CA ALA B 193 -7.47 14.91 34.03
C ALA B 193 -6.03 14.95 34.57
N ILE B 194 -5.14 14.09 34.07
CA ILE B 194 -3.83 13.98 34.66
C ILE B 194 -2.84 15.08 34.22
N VAL B 195 -2.78 15.42 32.94
CA VAL B 195 -1.83 16.47 32.53
C VAL B 195 -2.33 17.87 32.99
N GLY B 196 -3.64 18.04 33.08
CA GLY B 196 -4.22 19.31 33.46
C GLY B 196 -4.33 19.50 34.97
N HIS B 197 -4.44 18.41 35.75
CA HIS B 197 -4.72 18.55 37.19
C HIS B 197 -3.78 17.80 38.10
N LEU B 198 -2.97 16.89 37.57
CA LEU B 198 -1.89 16.35 38.36
C LEU B 198 -0.51 16.92 38.00
N TYR B 199 -0.17 16.95 36.71
CA TYR B 199 1.14 17.46 36.30
C TYR B 199 1.19 18.96 36.19
N GLY B 200 0.01 19.59 36.04
CA GLY B 200 -0.10 21.06 35.91
C GLY B 200 0.49 21.62 34.61
N VAL B 201 0.81 20.74 33.66
CA VAL B 201 1.43 21.10 32.36
C VAL B 201 0.43 21.66 31.36
N HIS B 202 -0.85 21.25 31.48
CA HIS B 202 -1.93 21.80 30.68
C HIS B 202 -2.91 22.53 31.54
N ALA B 203 -3.74 23.38 30.93
CA ALA B 203 -4.82 24.06 31.65
C ALA B 203 -5.73 23.03 32.34
N PRO B 204 -6.22 23.36 33.57
CA PRO B 204 -6.05 24.60 34.32
C PRO B 204 -4.73 24.74 35.13
N GLY B 205 -3.80 23.79 35.00
CA GLY B 205 -2.45 23.95 35.53
C GLY B 205 -2.34 23.67 37.02
N MET B 206 -3.11 22.70 37.46
CA MET B 206 -3.13 22.26 38.84
CA MET B 206 -3.10 22.27 38.85
C MET B 206 -2.26 21.03 39.09
N ARG B 207 -1.78 20.88 40.32
CA ARG B 207 -1.04 19.70 40.75
CA ARG B 207 -1.05 19.70 40.76
C ARG B 207 -1.68 19.15 42.03
N ASP B 208 -2.74 18.35 41.89
CA ASP B 208 -3.40 17.76 43.05
C ASP B 208 -4.00 16.39 42.66
N ILE B 209 -3.52 15.30 43.24
CA ILE B 209 -3.89 13.98 42.73
C ILE B 209 -5.33 13.65 43.09
N TYR B 210 -5.85 14.24 44.17
CA TYR B 210 -7.23 14.00 44.57
C TYR B 210 -8.12 14.68 43.56
N VAL B 211 -7.74 15.88 43.15
CA VAL B 211 -8.54 16.56 42.19
C VAL B 211 -8.50 15.83 40.82
N ALA B 212 -7.31 15.39 40.44
CA ALA B 212 -7.10 14.73 39.13
C ALA B 212 -8.00 13.49 39.03
N PHE B 213 -8.12 12.71 40.09
CA PHE B 213 -8.98 11.52 40.00
C PHE B 213 -10.49 11.82 40.03
N ARG B 214 -10.88 12.89 40.72
CA ARG B 214 -12.26 13.37 40.63
C ARG B 214 -12.57 13.88 39.24
N ALA B 215 -11.56 14.49 38.61
CA ALA B 215 -11.69 14.87 37.18
C ALA B 215 -11.87 13.63 36.30
N VAL B 216 -11.04 12.59 36.50
CA VAL B 216 -11.24 11.30 35.73
C VAL B 216 -12.70 10.83 35.84
N HIS B 217 -13.20 10.82 37.07
CA HIS B 217 -14.51 10.31 37.35
C HIS B 217 -15.63 11.20 36.81
N ASN B 218 -15.50 12.53 36.96
CA ASN B 218 -16.49 13.41 36.38
C ASN B 218 -16.46 13.46 34.84
N LEU B 219 -15.30 13.25 34.25
CA LEU B 219 -15.18 13.12 32.78
C LEU B 219 -16.07 11.99 32.29
N LEU B 220 -16.02 10.86 32.97
CA LEU B 220 -16.81 9.69 32.59
C LEU B 220 -18.31 9.94 32.79
N ARG B 221 -18.66 10.58 33.90
CA ARG B 221 -20.05 10.97 34.16
C ARG B 221 -20.62 11.94 33.14
N ALA B 222 -19.83 12.95 32.78
CA ALA B 222 -20.21 13.92 31.76
C ALA B 222 -20.37 13.26 30.38
N HIS B 223 -19.40 12.43 29.99
CA HIS B 223 -19.50 11.67 28.73
C HIS B 223 -20.83 10.87 28.64
N ALA B 224 -21.10 10.11 29.69
CA ALA B 224 -22.30 9.27 29.69
C ALA B 224 -23.60 10.05 29.64
N ARG B 225 -23.69 11.20 30.35
CA ARG B 225 -24.82 12.13 30.24
C ARG B 225 -24.93 12.69 28.81
N ALA B 226 -23.81 12.92 28.14
CA ALA B 226 -23.87 13.43 26.76
C ALA B 226 -24.41 12.35 25.83
N VAL B 227 -23.98 11.11 25.99
CA VAL B 227 -24.45 10.02 25.11
C VAL B 227 -25.96 9.85 25.30
N LYS B 228 -26.40 9.83 26.56
CA LYS B 228 -27.83 9.74 26.90
C LYS B 228 -28.66 10.85 26.22
N VAL B 229 -28.18 12.09 26.22
CA VAL B 229 -28.88 13.18 25.49
C VAL B 229 -28.82 12.99 23.96
N PHE B 230 -27.73 12.37 23.50
CA PHE B 230 -27.51 12.17 22.08
C PHE B 230 -28.58 11.20 21.56
N ARG B 231 -28.92 10.20 22.37
CA ARG B 231 -29.88 9.18 21.95
C ARG B 231 -31.26 9.79 21.75
N GLU B 232 -31.51 10.91 22.44
CA GLU B 232 -32.77 11.63 22.34
C GLU B 232 -32.82 12.70 21.23
N THR B 233 -31.68 13.10 20.67
CA THR B 233 -31.66 14.32 19.88
C THR B 233 -31.13 14.15 18.46
N VAL B 234 -30.43 13.06 18.19
CA VAL B 234 -29.86 12.88 16.86
C VAL B 234 -30.26 11.53 16.27
N LYS B 235 -30.90 11.59 15.09
CA LYS B 235 -31.59 10.45 14.47
C LYS B 235 -30.73 9.20 14.22
N ASP B 236 -29.89 9.27 13.19
CA ASP B 236 -29.10 8.11 12.80
C ASP B 236 -27.65 8.42 13.11
N GLY B 237 -27.42 9.07 14.26
CA GLY B 237 -26.07 9.46 14.64
C GLY B 237 -25.30 8.32 15.30
N LYS B 238 -23.97 8.38 15.20
CA LYS B 238 -23.12 7.59 16.06
C LYS B 238 -22.25 8.51 16.94
N ILE B 239 -21.92 8.02 18.13
CA ILE B 239 -21.15 8.77 19.13
C ILE B 239 -20.14 7.85 19.79
N GLY B 240 -18.95 8.39 20.04
CA GLY B 240 -17.87 7.62 20.64
C GLY B 240 -17.02 8.55 21.50
N ILE B 241 -15.89 8.05 21.94
CA ILE B 241 -15.02 8.78 22.82
C ILE B 241 -13.60 8.41 22.41
N VAL B 242 -12.65 9.32 22.67
CA VAL B 242 -11.28 9.22 22.16
C VAL B 242 -10.23 9.17 23.25
N PHE B 243 -9.30 8.22 23.15
CA PHE B 243 -8.31 8.02 24.16
C PHE B 243 -6.92 8.02 23.58
N ASN B 244 -6.00 8.63 24.32
CA ASN B 244 -4.61 8.55 24.00
C ASN B 244 -4.11 7.18 24.43
N ASN B 245 -3.14 6.66 23.71
CA ASN B 245 -2.54 5.40 24.06
C ASN B 245 -1.05 5.39 23.71
N GLY B 246 -0.27 4.72 24.54
CA GLY B 246 1.15 4.48 24.29
C GLY B 246 1.36 2.99 24.26
N TYR B 247 2.41 2.57 23.57
CA TYR B 247 2.79 1.15 23.59
C TYR B 247 3.91 1.01 24.59
N PHE B 248 3.59 0.41 25.73
CA PHE B 248 4.56 0.20 26.81
C PHE B 248 5.21 -1.18 26.71
N GLU B 249 6.53 -1.20 26.73
CA GLU B 249 7.26 -2.45 26.76
C GLU B 249 8.12 -2.50 28.03
N PRO B 250 8.35 -3.71 28.57
CA PRO B 250 9.13 -3.83 29.80
C PRO B 250 10.62 -3.67 29.50
N ALA B 251 11.39 -3.19 30.47
CA ALA B 251 12.85 -3.08 30.33
C ALA B 251 13.52 -4.45 30.45
N SER B 252 12.98 -5.30 31.32
CA SER B 252 13.48 -6.66 31.46
C SER B 252 12.34 -7.67 31.35
N GLU B 253 12.70 -8.95 31.48
CA GLU B 253 11.71 -10.02 31.54
C GLU B 253 11.39 -10.34 32.98
N LYS B 254 11.83 -9.49 33.92
CA LYS B 254 11.48 -9.66 35.34
C LYS B 254 9.98 -9.43 35.57
N GLU B 255 9.40 -10.20 36.50
CA GLU B 255 7.99 -10.08 36.88
C GLU B 255 7.58 -8.63 37.13
N GLU B 256 8.33 -7.94 38.00
CA GLU B 256 7.99 -6.57 38.39
C GLU B 256 7.89 -5.61 37.22
N ASP B 257 8.77 -5.77 36.22
CA ASP B 257 8.76 -4.94 35.03
C ASP B 257 7.53 -5.16 34.16
N ILE B 258 7.18 -6.44 33.95
CA ILE B 258 6.01 -6.84 33.14
C ILE B 258 4.74 -6.22 33.74
N ARG B 259 4.63 -6.29 35.07
CA ARG B 259 3.57 -5.68 35.87
C ARG B 259 3.53 -4.15 35.78
N ALA B 260 4.69 -3.50 35.77
CA ALA B 260 4.78 -2.08 35.45
C ALA B 260 4.14 -1.74 34.10
N VAL B 261 4.40 -2.56 33.08
CA VAL B 261 3.73 -2.39 31.80
C VAL B 261 2.19 -2.50 31.97
N ARG B 262 1.76 -3.50 32.75
CA ARG B 262 0.34 -3.75 32.95
C ARG B 262 -0.31 -2.52 33.61
N PHE B 263 0.39 -1.92 34.58
CA PHE B 263 -0.13 -0.75 35.25
C PHE B 263 -0.24 0.44 34.28
N MET B 264 0.77 0.60 33.42
CA MET B 264 0.81 1.73 32.49
C MET B 264 -0.26 1.64 31.45
N HIS B 265 -0.47 0.44 30.93
CA HIS B 265 -1.56 0.21 30.02
C HIS B 265 -2.89 0.51 30.73
N GLN B 266 -3.11 -0.05 31.91
CA GLN B 266 -4.41 0.13 32.57
C GLN B 266 -4.66 1.61 32.95
N PHE B 267 -3.60 2.37 33.28
CA PHE B 267 -3.77 3.77 33.72
C PHE B 267 -3.69 4.78 32.59
N ASN B 268 -2.62 4.66 31.79
CA ASN B 268 -2.43 5.58 30.70
C ASN B 268 -3.26 5.36 29.45
N ASN B 269 -3.71 4.14 29.23
CA ASN B 269 -4.39 3.79 27.96
C ASN B 269 -5.91 3.71 28.14
N TYR B 270 -6.62 3.37 27.06
CA TYR B 270 -8.09 3.17 27.09
C TYR B 270 -8.71 2.38 28.30
N PRO B 271 -8.01 1.38 28.93
CA PRO B 271 -8.75 0.68 29.98
C PRO B 271 -9.23 1.59 31.12
N LEU B 272 -8.49 2.67 31.43
CA LEU B 272 -8.94 3.55 32.54
C LEU B 272 -10.40 3.97 32.39
N PHE B 273 -10.81 4.15 31.15
CA PHE B 273 -12.13 4.61 30.83
C PHE B 273 -13.06 3.53 30.32
N LEU B 274 -12.48 2.62 29.54
CA LEU B 274 -13.31 1.53 28.99
C LEU B 274 -13.66 0.47 29.99
N ASN B 275 -12.84 0.25 31.02
CA ASN B 275 -13.27 -0.72 32.06
C ASN B 275 -14.53 -0.22 32.75
N PRO B 276 -14.56 1.07 33.14
CA PRO B 276 -15.83 1.65 33.55
C PRO B 276 -16.98 1.55 32.54
N ILE B 277 -16.78 2.00 31.29
CA ILE B 277 -17.85 2.05 30.26
C ILE B 277 -18.44 0.62 29.95
N TYR B 278 -17.54 -0.36 29.84
CA TYR B 278 -17.90 -1.76 29.50
C TYR B 278 -18.05 -2.76 30.67
N ARG B 279 -17.35 -2.57 31.79
CA ARG B 279 -17.38 -3.53 32.93
C ARG B 279 -17.89 -2.95 34.27
N GLY B 280 -18.08 -1.63 34.31
CA GLY B 280 -18.67 -0.99 35.49
C GLY B 280 -17.75 -0.82 36.66
N ASP B 281 -16.42 -0.79 36.41
CA ASP B 281 -15.44 -0.40 37.42
C ASP B 281 -14.11 0.02 36.78
N TYR B 282 -13.24 0.71 37.53
CA TYR B 282 -11.91 1.04 37.04
C TYR B 282 -11.09 -0.25 37.01
N PRO B 283 -10.00 -0.29 36.22
CA PRO B 283 -9.09 -1.44 36.20
C PRO B 283 -8.50 -1.75 37.57
N GLU B 284 -8.22 -3.03 37.81
CA GLU B 284 -7.70 -3.56 39.08
CA GLU B 284 -7.75 -3.51 39.10
C GLU B 284 -6.47 -2.82 39.61
N LEU B 285 -5.48 -2.60 38.75
CA LEU B 285 -4.25 -2.01 39.25
C LEU B 285 -4.39 -0.47 39.43
N VAL B 286 -5.36 0.12 38.73
CA VAL B 286 -5.68 1.56 38.90
C VAL B 286 -6.31 1.73 40.28
N LEU B 287 -7.27 0.89 40.59
CA LEU B 287 -7.82 0.84 41.93
C LEU B 287 -6.78 0.64 43.05
N GLU B 288 -5.82 -0.29 42.87
CA GLU B 288 -4.79 -0.50 43.90
C GLU B 288 -4.03 0.81 44.13
N PHE B 289 -3.78 1.52 43.04
CA PHE B 289 -3.03 2.79 43.08
C PHE B 289 -3.82 3.95 43.64
N ALA B 290 -5.06 4.06 43.20
CA ALA B 290 -5.79 5.33 43.24
C ALA B 290 -7.12 5.30 43.97
N ARG B 291 -7.47 4.19 44.62
CA ARG B 291 -8.75 4.10 45.35
C ARG B 291 -8.92 5.23 46.38
N GLU B 292 -7.85 5.56 47.08
CA GLU B 292 -7.89 6.62 48.11
CA GLU B 292 -7.92 6.61 48.12
C GLU B 292 -8.13 8.03 47.52
N TYR B 293 -7.89 8.19 46.21
CA TYR B 293 -8.05 9.47 45.48
C TYR B 293 -9.38 9.60 44.77
N LEU B 294 -10.06 8.47 44.53
CA LEU B 294 -11.38 8.51 43.92
C LEU B 294 -12.48 8.92 44.91
N PRO B 295 -13.57 9.54 44.42
CA PRO B 295 -14.61 9.92 45.38
C PRO B 295 -15.20 8.73 46.12
N GLU B 296 -15.58 9.01 47.36
CA GLU B 296 -16.39 8.13 48.18
C GLU B 296 -17.63 7.79 47.36
N ASN B 297 -17.93 6.51 47.31
CA ASN B 297 -19.11 6.03 46.62
C ASN B 297 -19.04 6.24 45.13
N TYR B 298 -17.82 6.32 44.55
CA TYR B 298 -17.71 6.48 43.09
C TYR B 298 -18.47 5.37 42.36
N LYS B 299 -18.51 4.16 42.94
CA LYS B 299 -19.12 3.06 42.22
C LYS B 299 -20.64 3.22 41.99
N ASP B 300 -21.29 4.07 42.79
CA ASP B 300 -22.72 4.41 42.57
C ASP B 300 -22.99 5.02 41.20
N ASP B 301 -21.97 5.58 40.55
CA ASP B 301 -22.17 6.28 39.31
C ASP B 301 -21.94 5.35 38.14
N MET B 302 -21.38 4.19 38.42
CA MET B 302 -20.93 3.28 37.35
C MET B 302 -22.06 2.74 36.47
N SER B 303 -23.24 2.54 37.04
CA SER B 303 -24.35 2.02 36.23
C SER B 303 -24.77 3.05 35.16
N GLU B 304 -24.74 4.32 35.52
CA GLU B 304 -24.96 5.40 34.55
C GLU B 304 -23.81 5.53 33.54
N ILE B 305 -22.59 5.30 34.00
CA ILE B 305 -21.41 5.41 33.13
C ILE B 305 -21.42 4.34 32.02
N GLN B 306 -22.09 3.22 32.22
CA GLN B 306 -22.12 2.16 31.20
C GLN B 306 -23.03 2.40 29.97
N GLU B 307 -23.51 3.64 29.80
CA GLU B 307 -24.28 4.06 28.64
C GLU B 307 -23.61 3.62 27.33
N LYS B 308 -24.33 2.91 26.45
CA LYS B 308 -23.72 2.24 25.28
C LYS B 308 -23.13 3.22 24.30
N ILE B 309 -21.90 2.96 23.86
CA ILE B 309 -21.26 3.75 22.80
C ILE B 309 -21.18 3.02 21.44
N ASP B 310 -21.07 3.78 20.36
CA ASP B 310 -21.08 3.27 19.00
C ASP B 310 -19.66 2.95 18.52
N PHE B 311 -18.68 3.73 18.96
CA PHE B 311 -17.29 3.53 18.56
C PHE B 311 -16.31 3.99 19.64
N VAL B 312 -15.09 3.46 19.55
CA VAL B 312 -13.97 3.91 20.35
C VAL B 312 -12.96 4.55 19.42
N GLY B 313 -12.55 5.78 19.72
CA GLY B 313 -11.47 6.41 18.99
C GLY B 313 -10.16 6.13 19.69
N LEU B 314 -9.17 5.63 18.95
CA LEU B 314 -7.84 5.46 19.52
C LEU B 314 -6.82 6.39 18.87
N ASN B 315 -6.11 7.12 19.72
CA ASN B 315 -4.97 7.94 19.31
C ASN B 315 -3.67 7.21 19.65
N TYR B 316 -2.68 7.34 18.78
CA TYR B 316 -1.36 6.73 19.00
C TYR B 316 -0.29 7.54 18.30
N TYR B 317 0.83 7.69 18.99
CA TYR B 317 2.01 8.31 18.38
C TYR B 317 3.33 7.72 18.86
N SER B 318 3.39 7.10 20.04
CA SER B 318 4.69 6.66 20.51
C SER B 318 4.71 5.46 21.42
N GLY B 319 5.91 4.90 21.58
CA GLY B 319 6.17 3.80 22.49
C GLY B 319 7.09 4.25 23.61
N HIS B 320 7.16 3.46 24.67
CA HIS B 320 7.95 3.79 25.86
C HIS B 320 8.41 2.49 26.50
N LEU B 321 9.66 2.48 26.96
CA LEU B 321 10.19 1.37 27.69
C LEU B 321 10.02 1.70 29.15
N VAL B 322 9.57 0.74 29.95
CA VAL B 322 9.29 1.02 31.36
C VAL B 322 9.82 -0.06 32.27
N LYS B 323 10.06 0.31 33.53
CA LYS B 323 10.60 -0.61 34.53
C LYS B 323 10.01 -0.26 35.89
N PHE B 324 9.88 -1.29 36.73
CA PHE B 324 9.47 -1.14 38.12
C PHE B 324 10.52 -0.35 38.90
N ASP B 325 10.08 0.67 39.62
CA ASP B 325 11.01 1.52 40.37
C ASP B 325 10.34 2.03 41.66
N PRO B 326 10.82 1.55 42.83
CA PRO B 326 10.19 1.82 44.14
C PRO B 326 10.16 3.30 44.54
N ASP B 327 11.03 4.10 43.93
CA ASP B 327 11.11 5.53 44.21
C ASP B 327 10.23 6.34 43.27
N ALA B 328 9.80 5.70 42.18
CA ALA B 328 9.12 6.39 41.09
C ALA B 328 7.70 6.80 41.46
N PRO B 329 7.26 8.01 40.98
CA PRO B 329 5.94 8.62 41.23
C PRO B 329 4.81 7.61 41.41
N ALA B 330 4.69 6.66 40.47
CA ALA B 330 3.69 5.59 40.54
C ALA B 330 4.30 4.18 40.63
N LYS B 331 5.58 4.11 41.04
CA LYS B 331 6.37 2.85 41.01
C LYS B 331 6.85 2.47 39.59
N VAL B 332 6.75 3.40 38.66
CA VAL B 332 7.13 3.15 37.27
C VAL B 332 8.04 4.26 36.73
N SER B 333 9.13 3.88 36.07
CA SER B 333 9.99 4.85 35.38
C SER B 333 10.09 4.52 33.91
N PHE B 334 10.02 5.55 33.07
CA PHE B 334 10.39 5.40 31.67
C PHE B 334 11.90 5.20 31.60
N VAL B 335 12.35 4.49 30.58
CA VAL B 335 13.78 4.45 30.27
C VAL B 335 14.01 4.71 28.79
N GLU B 336 14.94 5.63 28.51
CA GLU B 336 15.25 6.05 27.14
C GLU B 336 15.80 4.88 26.32
N ARG B 337 15.50 4.90 25.03
CA ARG B 337 16.02 3.93 24.10
C ARG B 337 16.65 4.71 22.97
N ASP B 338 17.67 4.11 22.38
CA ASP B 338 18.32 4.75 21.26
C ASP B 338 17.66 4.31 19.96
N LEU B 339 16.36 4.56 19.81
CA LEU B 339 15.72 4.40 18.50
C LEU B 339 15.26 5.74 17.93
N PRO B 340 14.90 5.81 16.62
CA PRO B 340 14.54 7.08 15.99
C PRO B 340 13.44 7.85 16.75
N LYS B 341 13.66 9.16 16.94
CA LYS B 341 12.69 10.01 17.65
C LYS B 341 12.15 11.09 16.75
N THR B 342 10.98 11.63 17.08
CA THR B 342 10.46 12.80 16.41
C THR B 342 11.01 14.05 17.09
N ALA B 343 10.65 15.23 16.60
CA ALA B 343 11.01 16.49 17.23
C ALA B 343 10.45 16.67 18.65
N MET B 344 9.40 15.91 19.01
CA MET B 344 8.90 15.89 20.39
C MET B 344 9.81 15.04 21.27
N GLY B 345 10.75 14.35 20.64
CA GLY B 345 11.56 13.38 21.37
C GLY B 345 10.85 12.04 21.55
N TRP B 346 9.73 11.84 20.85
CA TRP B 346 8.95 10.63 21.04
C TRP B 346 9.48 9.51 20.16
N GLU B 347 9.67 8.34 20.76
CA GLU B 347 10.18 7.15 20.07
C GLU B 347 9.17 6.59 19.04
N ILE B 348 9.63 6.48 17.79
CA ILE B 348 8.84 6.00 16.66
C ILE B 348 8.82 4.48 16.69
N VAL B 349 7.68 3.93 17.11
CA VAL B 349 7.49 2.49 17.29
C VAL B 349 6.15 2.15 16.67
N PRO B 350 6.10 1.98 15.33
CA PRO B 350 4.83 1.85 14.63
C PRO B 350 4.07 0.56 14.96
N GLU B 351 4.75 -0.48 15.40
CA GLU B 351 4.07 -1.73 15.77
C GLU B 351 3.16 -1.53 17.00
N GLY B 352 3.31 -0.39 17.69
CA GLY B 352 2.41 -0.03 18.78
C GLY B 352 0.98 0.23 18.34
N ILE B 353 0.78 0.76 17.14
CA ILE B 353 -0.57 1.01 16.66
C ILE B 353 -1.26 -0.32 16.36
N TYR B 354 -0.48 -1.32 15.99
CA TYR B 354 -1.01 -2.65 15.78
C TYR B 354 -1.39 -3.28 17.13
N TRP B 355 -0.45 -3.24 18.07
CA TRP B 355 -0.67 -3.82 19.39
C TRP B 355 -1.94 -3.32 20.08
N ILE B 356 -2.13 -1.99 20.08
CA ILE B 356 -3.22 -1.38 20.83
C ILE B 356 -4.55 -1.76 20.18
N LEU B 357 -4.52 -1.96 18.86
CA LEU B 357 -5.73 -2.32 18.10
C LEU B 357 -6.17 -3.76 18.40
N LYS B 358 -5.21 -4.68 18.37
CA LYS B 358 -5.42 -6.06 18.75
C LYS B 358 -5.91 -6.10 20.17
N LYS B 359 -5.18 -5.43 21.08
CA LYS B 359 -5.50 -5.45 22.50
C LYS B 359 -6.89 -4.87 22.80
N VAL B 360 -7.29 -3.79 22.14
CA VAL B 360 -8.66 -3.25 22.41
C VAL B 360 -9.76 -4.25 22.04
N LYS B 361 -9.51 -5.03 20.97
CA LYS B 361 -10.47 -6.03 20.55
C LYS B 361 -10.52 -7.18 21.56
N GLU B 362 -9.36 -7.63 22.02
CA GLU B 362 -9.29 -8.70 23.01
C GLU B 362 -9.96 -8.32 24.31
N GLU B 363 -9.78 -7.06 24.73
CA GLU B 363 -10.25 -6.64 26.06
C GLU B 363 -11.73 -6.23 26.11
N TYR B 364 -12.17 -5.38 25.21
CA TYR B 364 -13.52 -4.80 25.27
C TYR B 364 -14.37 -5.11 24.03
N ASN B 365 -13.71 -5.57 22.98
CA ASN B 365 -14.40 -5.94 21.75
C ASN B 365 -15.43 -4.92 21.29
N PRO B 366 -14.99 -3.65 21.06
CA PRO B 366 -15.92 -2.60 20.62
C PRO B 366 -16.38 -2.85 19.17
N PRO B 367 -17.64 -2.52 18.86
CA PRO B 367 -18.22 -2.76 17.53
C PRO B 367 -17.47 -2.07 16.40
N GLU B 368 -16.96 -0.86 16.65
CA GLU B 368 -16.22 -0.07 15.67
C GLU B 368 -15.05 0.64 16.36
N VAL B 369 -13.89 0.65 15.70
CA VAL B 369 -12.73 1.42 16.16
C VAL B 369 -12.32 2.42 15.07
N TYR B 370 -11.84 3.59 15.47
CA TYR B 370 -11.18 4.52 14.54
C TYR B 370 -9.82 4.90 15.10
N ILE B 371 -8.87 5.24 14.22
CA ILE B 371 -7.68 5.94 14.66
C ILE B 371 -8.00 7.43 14.55
N THR B 372 -8.15 8.11 15.68
CA THR B 372 -8.64 9.50 15.66
C THR B 372 -7.51 10.53 15.60
N GLU B 373 -6.29 10.05 15.76
CA GLU B 373 -5.12 10.90 15.80
C GLU B 373 -3.88 10.03 15.58
N ASN B 374 -3.14 10.31 14.52
CA ASN B 374 -1.82 9.73 14.38
C ASN B 374 -0.98 10.69 13.56
N GLY B 375 0.26 10.95 13.98
CA GLY B 375 1.03 12.02 13.37
C GLY B 375 2.37 12.22 14.01
N ALA B 376 3.19 13.08 13.41
CA ALA B 376 4.52 13.37 13.96
C ALA B 376 4.97 14.80 13.73
N ALA B 377 5.83 15.27 14.63
CA ALA B 377 6.45 16.59 14.49
C ALA B 377 7.88 16.42 13.99
N PHE B 378 8.24 17.22 13.00
CA PHE B 378 9.59 17.26 12.48
C PHE B 378 9.95 18.71 12.16
N ASP B 379 11.24 18.98 11.96
CA ASP B 379 11.72 20.35 11.73
C ASP B 379 11.44 20.99 10.35
N ASP B 380 10.29 20.69 9.76
CA ASP B 380 9.91 21.18 8.41
C ASP B 380 10.42 22.57 8.02
N VAL B 381 11.22 22.59 6.95
CA VAL B 381 11.74 23.84 6.37
C VAL B 381 11.18 24.00 4.96
N VAL B 382 10.92 25.26 4.57
CA VAL B 382 10.63 25.58 3.18
C VAL B 382 11.95 25.44 2.40
N SER B 383 11.99 24.49 1.45
CA SER B 383 13.17 24.29 0.58
C SER B 383 13.18 25.37 -0.48
N GLU B 384 14.38 25.63 -1.05
CA GLU B 384 14.57 26.69 -2.05
C GLU B 384 13.50 26.68 -3.14
N ASP B 385 13.11 25.47 -3.55
CA ASP B 385 12.07 25.25 -4.57
C ASP B 385 10.64 25.63 -4.18
N GLY B 386 10.46 26.10 -2.94
CA GLY B 386 9.14 26.58 -2.44
C GLY B 386 8.22 25.51 -1.86
N ARG B 387 8.69 24.26 -1.88
CA ARG B 387 7.97 23.14 -1.29
C ARG B 387 8.58 22.81 0.07
N VAL B 388 7.98 21.83 0.75
CA VAL B 388 8.48 21.34 2.02
C VAL B 388 8.69 19.83 1.90
N HIS B 389 9.95 19.42 1.78
CA HIS B 389 10.29 18.00 1.58
C HIS B 389 10.33 17.28 2.91
N ASP B 390 9.27 16.55 3.23
CA ASP B 390 9.18 15.84 4.50
C ASP B 390 9.11 14.32 4.31
N GLN B 391 10.24 13.73 3.93
CA GLN B 391 10.32 12.29 3.81
C GLN B 391 10.21 11.63 5.19
N ASN B 392 10.67 12.35 6.22
CA ASN B 392 10.61 11.88 7.61
CA ASN B 392 10.60 11.92 7.62
C ASN B 392 9.18 11.57 8.07
N ARG B 393 8.25 12.49 7.82
CA ARG B 393 6.83 12.35 8.18
C ARG B 393 6.14 11.33 7.28
N ILE B 394 6.52 11.35 6.00
CA ILE B 394 5.97 10.41 5.02
C ILE B 394 6.25 9.00 5.47
N ASP B 395 7.48 8.76 5.91
CA ASP B 395 7.89 7.46 6.39
C ASP B 395 7.10 7.10 7.65
N TYR B 396 6.96 8.08 8.56
CA TYR B 396 6.23 7.88 9.82
C TYR B 396 4.82 7.34 9.56
N LEU B 397 4.05 8.10 8.77
CA LEU B 397 2.67 7.77 8.49
C LEU B 397 2.55 6.44 7.74
N LYS B 398 3.48 6.17 6.81
CA LYS B 398 3.51 4.91 6.04
C LYS B 398 3.63 3.70 6.95
N ALA B 399 4.54 3.78 7.92
CA ALA B 399 4.78 2.65 8.81
C ALA B 399 3.55 2.38 9.69
N HIS B 400 2.91 3.45 10.15
CA HIS B 400 1.78 3.35 11.06
C HIS B 400 0.51 2.81 10.39
N ILE B 401 0.16 3.41 9.25
CA ILE B 401 -0.95 2.99 8.40
C ILE B 401 -0.80 1.51 7.98
N GLY B 402 0.44 1.06 7.77
CA GLY B 402 0.73 -0.34 7.48
C GLY B 402 0.45 -1.29 8.63
N GLN B 403 0.75 -0.87 9.86
CA GLN B 403 0.42 -1.68 11.03
C GLN B 403 -1.06 -1.71 11.27
N ALA B 404 -1.74 -0.62 10.90
CA ALA B 404 -3.18 -0.48 11.01
C ALA B 404 -3.87 -1.45 10.04
N TRP B 405 -3.42 -1.44 8.80
CA TRP B 405 -3.82 -2.43 7.78
C TRP B 405 -3.69 -3.84 8.34
N LYS B 406 -2.54 -4.13 8.98
CA LYS B 406 -2.28 -5.45 9.55
C LYS B 406 -3.30 -5.80 10.62
N ALA B 407 -3.66 -4.82 11.45
CA ALA B 407 -4.66 -5.04 12.49
C ALA B 407 -6.00 -5.55 11.92
N ILE B 408 -6.48 -4.88 10.87
CA ILE B 408 -7.69 -5.29 10.15
C ILE B 408 -7.65 -6.75 9.64
N GLN B 409 -6.56 -7.11 8.96
CA GLN B 409 -6.40 -8.48 8.45
C GLN B 409 -6.61 -9.49 9.57
N GLU B 410 -6.25 -9.13 10.80
CA GLU B 410 -6.49 -10.02 11.94
C GLU B 410 -7.81 -9.77 12.67
N GLY B 411 -8.75 -9.09 12.02
CA GLY B 411 -10.13 -8.97 12.51
C GLY B 411 -10.54 -7.75 13.34
N VAL B 412 -9.65 -6.79 13.53
CA VAL B 412 -10.02 -5.54 14.24
C VAL B 412 -10.97 -4.72 13.36
N PRO B 413 -12.15 -4.32 13.89
CA PRO B 413 -13.08 -3.52 13.09
C PRO B 413 -12.67 -2.04 12.92
N LEU B 414 -11.45 -1.79 12.48
CA LEU B 414 -10.98 -0.44 12.20
C LEU B 414 -11.74 0.17 11.01
N LYS B 415 -12.41 1.28 11.26
CA LYS B 415 -13.28 1.91 10.25
C LYS B 415 -12.70 3.15 9.59
N GLY B 416 -11.62 3.70 10.14
CA GLY B 416 -11.13 5.00 9.69
C GLY B 416 -9.80 5.37 10.31
N TYR B 417 -9.16 6.38 9.72
CA TYR B 417 -7.83 6.80 10.14
C TYR B 417 -7.71 8.30 9.92
N PHE B 418 -7.33 9.00 10.98
CA PHE B 418 -7.22 10.46 10.92
C PHE B 418 -5.78 10.86 11.22
N VAL B 419 -5.19 11.60 10.29
CA VAL B 419 -3.84 12.10 10.43
C VAL B 419 -3.91 13.33 11.30
N TRP B 420 -3.04 13.39 12.29
CA TRP B 420 -2.82 14.62 13.01
C TRP B 420 -1.56 15.25 12.46
N SER B 421 -1.66 16.43 11.86
CA SER B 421 -2.87 17.23 11.67
C SER B 421 -2.89 17.78 10.22
N LEU B 422 -4.01 18.35 9.79
CA LEU B 422 -4.07 19.11 8.52
C LEU B 422 -3.06 20.27 8.47
N LEU B 423 -3.08 21.12 9.50
CA LEU B 423 -2.22 22.30 9.58
C LEU B 423 -1.24 22.21 10.73
N ASP B 424 -0.02 22.70 10.52
CA ASP B 424 0.83 23.17 11.65
C ASP B 424 -0.03 24.05 12.56
N ASN B 425 0.20 23.99 13.86
CA ASN B 425 -0.73 24.70 14.76
C ASN B 425 -0.15 24.93 16.15
N PHE B 426 -0.99 25.47 17.03
CA PHE B 426 -0.58 25.69 18.46
C PHE B 426 -0.44 24.34 19.19
N GLU B 427 0.79 23.87 19.38
CA GLU B 427 1.05 22.62 20.09
C GLU B 427 1.03 22.73 21.64
N TRP B 428 -0.03 23.35 22.18
CA TRP B 428 -0.26 23.34 23.64
C TRP B 428 0.91 23.99 24.42
N ALA B 429 1.49 23.33 25.43
CA ALA B 429 2.61 23.95 26.18
C ALA B 429 3.86 24.16 25.31
N GLU B 430 3.93 23.49 24.16
CA GLU B 430 5.09 23.64 23.26
C GLU B 430 4.96 24.86 22.34
N GLY B 431 3.75 25.43 22.29
CA GLY B 431 3.47 26.57 21.44
C GLY B 431 3.64 26.24 19.96
N TYR B 432 4.10 27.22 19.19
CA TYR B 432 4.18 27.06 17.73
C TYR B 432 5.46 26.32 17.26
N SER B 433 6.27 25.90 18.22
CA SER B 433 7.59 25.34 17.97
C SER B 433 7.56 23.94 17.34
N LYS B 434 6.42 23.26 17.41
CA LYS B 434 6.31 21.87 16.96
C LYS B 434 5.28 21.77 15.86
N ARG B 435 5.73 21.28 14.71
CA ARG B 435 4.90 21.29 13.49
C ARG B 435 4.44 19.88 13.16
N PHE B 436 3.13 19.66 13.21
CA PHE B 436 2.55 18.33 13.05
C PHE B 436 1.85 18.23 11.70
N GLY B 437 1.70 19.36 11.03
CA GLY B 437 0.85 19.45 9.84
C GLY B 437 1.32 18.60 8.65
N ILE B 438 0.41 18.42 7.71
CA ILE B 438 0.75 17.96 6.35
C ILE B 438 0.63 19.18 5.41
N VAL B 439 0.04 20.25 5.95
CA VAL B 439 0.13 21.61 5.39
C VAL B 439 0.98 22.53 6.28
N TYR B 440 1.98 23.18 5.70
CA TYR B 440 2.86 24.10 6.40
C TYR B 440 2.17 25.46 6.52
N VAL B 441 2.38 26.13 7.65
CA VAL B 441 1.79 27.44 7.85
C VAL B 441 2.91 28.38 8.20
N ASP B 442 3.00 29.44 7.41
CA ASP B 442 3.99 30.48 7.62
C ASP B 442 3.28 31.53 8.46
N TYR B 443 3.58 31.53 9.76
CA TYR B 443 2.89 32.35 10.74
C TYR B 443 3.04 33.86 10.51
N SER B 444 4.12 34.27 9.86
CA SER B 444 4.28 35.68 9.50
C SER B 444 3.27 36.12 8.42
N THR B 445 2.95 35.22 7.48
CA THR B 445 2.06 35.54 6.36
C THR B 445 0.71 34.82 6.37
N GLN B 446 0.59 33.78 7.20
CA GLN B 446 -0.57 32.87 7.20
C GLN B 446 -0.72 32.08 5.89
N LYS B 447 0.37 32.04 5.12
CA LYS B 447 0.42 31.29 3.86
C LYS B 447 0.46 29.80 4.16
N ARG B 448 -0.46 29.06 3.52
CA ARG B 448 -0.47 27.62 3.55
C ARG B 448 0.43 27.07 2.45
N ILE B 449 1.26 26.08 2.81
CA ILE B 449 2.08 25.36 1.85
C ILE B 449 1.94 23.85 2.06
N VAL B 450 1.29 23.16 1.11
CA VAL B 450 1.09 21.71 1.22
C VAL B 450 2.42 20.98 1.24
N LYS B 451 2.61 20.12 2.24
CA LYS B 451 3.85 19.38 2.37
C LYS B 451 3.78 18.15 1.46
N ASP B 452 4.92 17.50 1.26
CA ASP B 452 4.95 16.29 0.44
C ASP B 452 4.08 15.19 1.07
N SER B 453 4.15 15.07 2.40
CA SER B 453 3.25 14.18 3.16
C SER B 453 1.78 14.41 2.80
N GLY B 454 1.45 15.65 2.50
CA GLY B 454 0.09 16.02 2.08
C GLY B 454 -0.27 15.42 0.74
N TYR B 455 0.64 15.54 -0.24
CA TYR B 455 0.43 14.94 -1.56
C TYR B 455 0.47 13.42 -1.46
N TRP B 456 1.39 12.92 -0.65
CA TRP B 456 1.53 11.49 -0.40
C TRP B 456 0.26 10.87 0.20
N TYR B 457 -0.36 11.60 1.11
CA TYR B 457 -1.55 11.13 1.80
C TYR B 457 -2.77 11.29 0.89
N SER B 458 -2.75 12.35 0.09
CA SER B 458 -3.74 12.54 -0.98
C SER B 458 -3.85 11.29 -1.87
N ASN B 459 -2.69 10.67 -2.14
CA ASN B 459 -2.62 9.39 -2.85
C ASN B 459 -3.21 8.19 -2.12
N VAL B 460 -2.79 8.00 -0.86
CA VAL B 460 -3.30 6.94 0.01
C VAL B 460 -4.83 6.91 -0.03
N VAL B 461 -5.46 8.07 0.06
CA VAL B 461 -6.92 8.22 0.05
C VAL B 461 -7.52 7.76 -1.29
N LYS B 462 -6.86 8.15 -2.37
CA LYS B 462 -7.27 7.81 -3.75
C LYS B 462 -7.12 6.32 -4.05
N ASN B 463 -5.94 5.78 -3.74
CA ASN B 463 -5.68 4.35 -3.88
C ASN B 463 -6.28 3.53 -2.74
N ASN B 464 -7.03 4.18 -1.85
CA ASN B 464 -7.51 3.55 -0.60
C ASN B 464 -6.50 2.58 0.04
N GLY B 465 -5.23 3.01 0.11
CA GLY B 465 -4.21 2.15 0.69
C GLY B 465 -2.81 2.56 0.30
N LEU B 466 -1.84 1.69 0.64
CA LEU B 466 -0.41 1.93 0.42
C LEU B 466 0.10 1.24 -0.85
N GLU B 467 1.00 1.92 -1.56
CA GLU B 467 1.40 1.56 -2.95
C GLU B 467 0.21 1.45 -3.91
#